data_9CM7
#
_entry.id   9CM7
#
_cell.length_a   1.00
_cell.length_b   1.00
_cell.length_c   1.00
_cell.angle_alpha   90.00
_cell.angle_beta   90.00
_cell.angle_gamma   90.00
#
_symmetry.space_group_name_H-M   'P 1'
#
loop_
_entity.id
_entity.type
_entity.pdbx_description
1 polymer 'Free fatty acid receptor 2'
2 polymer 'Guanine nucleotide-binding protein G(i) subunit alpha-1'
3 polymer 'Guanine nucleotide-binding protein G(I)/G(S)/G(T) subunit beta-1'
4 polymer 'Guanine nucleotide-binding protein G(I)/G(S)/G(O) subunit gamma-2'
5 polymer scFv16
6 non-polymer '(2R,4R)-2-(2-chlorophenyl)-3-[4-(3,5-dimethyl-1,2-oxazol-4-yl)phenyl]carbonyl-1,3-thiazolidine-4-carboxylic acid'
7 non-polymer N-[(3M)-3-(2-carbamimidamido-4-methyl-1,3-thiazol-5-yl)phenyl]-4-fluorobenzamide
#
loop_
_entity_poly.entity_id
_entity_poly.type
_entity_poly.pdbx_seq_one_letter_code
_entity_poly.pdbx_strand_id
1 'polypeptide(L)'
;DYKDDDDGQPGNGSAFLLAPNGSHAPDHNVTQQRDEENLYFQGVDMLPDWKSSLILMAYIIIFLTGLPANLLALRAFVGR
IRQPQPAPVHILLLSLTLADLLLLLLLPFKIIEAASNFRWYLPKVVCALTSFGFYSSIYCSTWLLAGISIERYLGVAFPV
QYKLSRRPLYGVIAALVAWVMSFGHCTIVIIVQYLNTTEQVRSGNEITCYENFTDNQLDVVLPVRLELCLVLFFIPMAVT
IFCYWRFVWIMLSQPLVGAQRRRRAVGLAVVTLLNFLVCFGPYNVSHLVGYHQRKSPWWRSIAVVFSSLNASLDPLLFYF
SSSVVRRAFGRGLQVLRNQGSSLLGRRGKDTAEGTNEDRGVGQGEGMPSSDFTTEAAAVFTLEDFVGDWEQTAAYNLDQV
LEQGGVSSLLQNLAVSVTPIQRIVRSGENALKIDIHVIIPYEGLSADQMAQIEEVFKVVYPVDDHHFKVILPYGTLVIDG
VTPNMLNYFGRPYEGIAVFDGKKITVTGTLWNGNKIIDERLITPDGSMLFRVTINSHHHHHHHH
;
R
2 'polypeptide(L)'
;MGCTLSAEDKAAVERSKMIDRNLREDGEKAAREVKLLLLGAGESGKNTIVKQMKIIHEAGYSEEECKQYKAVVYSNTIQS
IIAIIRAMGRLKIDFGDSARADDARQLFVLAGAAEEGFMTAELAGVIKRLWKDSGVQACFNRSREYQLNDSAAYYLNDLD
RIAQPNYIPTQQDVLRTRVKTTGIVETHFTFKDLHFKMFDVGAQRSERKKWIHCFEGVTAIIFCVALSDYDLVLAEDEEM
NRMHASMKLFDSICNNKWFTDTSIILFLNKKDLFEEKIKKSPLTICYPEYAGSNTYEEAAAYIQCQFEDLNKRKDTKEIY
THFTCSTDTKNVQFVFDAVTDVIIKNNLKDCGLF
;
A
3 'polypeptide(L)'
;MHHHHHHGSSGSELDQLRQEAEQLKNQIRDARKACADATLSQITNNIDPVGRIQMRTRRTLRGHLAKIYAMHWGTDSRLL
VSASQDGKLIIWDSYTTNKVHAIPLRSSWVMTCAYAPSGNYVACGGLDNICSIYNLKTREGNVRVSRELAGHTGYLSCCR
FLDDNQIVTSSGDTTCALWDIETGQQTTTFTGHTGDVMSLSLAPDTRLFVSGACDASAKLWDVREGMCRQTFTGHESDIN
AICFFPNGNAFATGSDDATCRLFDLRADQELMTYSHDNIICGITSVSFSKSGRLLLAGYDDFNCNVWDALKADRAGVLAG
HDNRVSCLGVTDDGMAVATGSWDSFLKIWNGSSGGGGSGGGGSSGVSGWRLFKKIS
;
B
4 'polypeptide(L)' MASNNTASIAQARKLVEQLKMEANIDRIKVSKAAADLMAYCEAHAKEDPLLTPVPASENPFREKKFFCAIL G
5 'polypeptide(L)'
;VQLVESGGGLVQPGGSRKLSCSASGFAFSSFGMHWVRQAPEKGLEWVAYISSGSGTIYYADTVKGRFTISRDDPKNTLFL
QMTSLRSEDTAMYYCVRSIYYYGSSPFDFWGQGTTLTVSAGGGGSGGGGSGGGGSADIVMTQATSSVPVTPGESVSISCR
SSKSLLHSNGNTYLYWFLQRPGQSPQLLIYRMSNLASGVPDRFSGSGSGTAFTLTISRLEAEDVGVYYCMQHLEYPLTFG
AGTKLELLEENLYFQGASHHHHHHHH
;
N
#
# COMPACT_ATOMS: atom_id res chain seq x y z
N PRO A 48 36.34 45.12 -7.17
CA PRO A 48 36.27 45.02 -5.71
C PRO A 48 36.01 46.41 -5.12
N ASP A 49 35.24 47.25 -5.82
CA ASP A 49 35.02 48.64 -5.36
C ASP A 49 33.58 48.89 -4.95
N TRP A 50 33.32 49.07 -3.66
CA TRP A 50 31.97 49.48 -3.17
C TRP A 50 31.05 48.50 -3.89
N LYS A 51 30.21 49.02 -4.78
CA LYS A 51 29.06 48.25 -5.25
C LYS A 51 29.43 46.80 -5.54
N SER A 52 30.62 46.58 -6.11
CA SER A 52 31.06 45.21 -6.35
C SER A 52 31.23 44.43 -5.05
N SER A 53 31.79 45.08 -4.03
CA SER A 53 31.94 44.44 -2.73
C SER A 53 30.58 44.10 -2.12
N LEU A 54 29.62 45.01 -2.25
CA LEU A 54 28.26 44.73 -1.79
C LEU A 54 27.67 43.55 -2.55
N ILE A 55 27.95 43.45 -3.85
CA ILE A 55 27.48 42.33 -4.64
C ILE A 55 28.08 41.02 -4.12
N LEU A 56 29.37 41.02 -3.81
CA LEU A 56 29.99 39.81 -3.26
C LEU A 56 29.35 39.43 -1.94
N MET A 57 29.13 40.41 -1.06
CA MET A 57 28.53 40.13 0.24
C MET A 57 27.13 39.54 0.06
N ALA A 58 26.33 40.16 -0.80
CA ALA A 58 24.97 39.67 -1.03
C ALA A 58 24.98 38.26 -1.60
N TYR A 59 25.89 37.99 -2.55
CA TYR A 59 25.96 36.66 -3.15
C TYR A 59 26.38 35.62 -2.11
N ILE A 60 27.34 35.96 -1.26
CA ILE A 60 27.78 35.02 -0.24
C ILE A 60 26.63 34.71 0.71
N ILE A 61 25.93 35.75 1.18
CA ILE A 61 24.86 35.51 2.15
C ILE A 61 23.71 34.73 1.51
N ILE A 62 23.36 35.03 0.25
CA ILE A 62 22.26 34.31 -0.37
C ILE A 62 22.64 32.85 -0.58
N PHE A 63 23.87 32.59 -1.03
CA PHE A 63 24.29 31.20 -1.22
C PHE A 63 24.26 30.43 0.10
N LEU A 64 24.84 31.00 1.15
CA LEU A 64 24.91 30.30 2.43
C LEU A 64 23.52 30.09 3.03
N THR A 65 22.64 31.09 2.91
CA THR A 65 21.31 30.97 3.49
C THR A 65 20.41 30.05 2.66
N GLY A 66 20.63 29.96 1.36
CA GLY A 66 19.73 29.22 0.50
C GLY A 66 20.12 27.79 0.22
N LEU A 67 21.40 27.43 0.40
CA LEU A 67 21.79 26.04 0.13
C LEU A 67 21.10 25.06 1.07
N PRO A 68 21.39 25.06 2.39
CA PRO A 68 20.85 23.97 3.23
C PRO A 68 19.33 23.91 3.22
N ALA A 69 18.67 25.07 3.17
CA ALA A 69 17.22 25.08 3.02
C ALA A 69 16.80 24.40 1.74
N ASN A 70 17.56 24.61 0.65
CA ASN A 70 17.23 23.97 -0.61
C ASN A 70 17.40 22.45 -0.53
N LEU A 71 18.47 21.97 0.12
CA LEU A 71 18.58 20.52 0.28
C LEU A 71 17.43 19.95 1.11
N LEU A 72 17.07 20.60 2.22
CA LEU A 72 15.97 20.09 3.02
C LEU A 72 14.66 20.10 2.25
N ALA A 73 14.39 21.17 1.51
CA ALA A 73 13.16 21.25 0.73
C ALA A 73 13.15 20.19 -0.38
N LEU A 74 14.29 19.98 -1.04
CA LEU A 74 14.36 18.96 -2.08
C LEU A 74 14.11 17.57 -1.50
N ARG A 75 14.72 17.27 -0.35
CA ARG A 75 14.50 15.97 0.27
C ARG A 75 13.03 15.78 0.67
N ALA A 76 12.42 16.81 1.25
CA ALA A 76 11.03 16.71 1.66
C ALA A 76 10.11 16.53 0.46
N PHE A 77 10.37 17.27 -0.63
CA PHE A 77 9.53 17.16 -1.82
C PHE A 77 9.70 15.80 -2.48
N VAL A 78 10.92 15.28 -2.53
CA VAL A 78 11.12 13.93 -3.07
C VAL A 78 10.39 12.90 -2.23
N GLY A 79 10.48 13.03 -0.90
CA GLY A 79 9.75 12.12 -0.04
C GLY A 79 8.26 12.18 -0.27
N ARG A 80 7.71 13.39 -0.39
CA ARG A 80 6.29 13.54 -0.66
C ARG A 80 5.91 12.96 -2.01
N ILE A 81 6.79 13.05 -3.00
CA ILE A 81 6.54 12.40 -4.28
C ILE A 81 6.48 10.89 -4.11
N ARG A 82 7.37 10.33 -3.28
CA ARG A 82 7.37 8.89 -3.06
C ARG A 82 6.11 8.42 -2.35
N GLN A 83 5.45 9.29 -1.60
CA GLN A 83 4.21 8.91 -0.92
C GLN A 83 3.12 8.63 -1.95
N PRO A 84 2.14 7.80 -1.60
CA PRO A 84 1.08 7.47 -2.55
C PRO A 84 0.24 8.68 -2.90
N GLN A 85 -0.24 8.69 -4.15
CA GLN A 85 -1.13 9.72 -4.68
C GLN A 85 -0.52 11.11 -4.59
N PRO A 86 0.54 11.40 -5.34
CA PRO A 86 1.07 12.76 -5.38
C PRO A 86 0.21 13.67 -6.23
N ALA A 87 0.31 14.97 -5.96
CA ALA A 87 -0.43 15.99 -6.68
C ALA A 87 0.46 16.70 -7.69
N PRO A 88 -0.12 17.25 -8.75
CA PRO A 88 0.70 18.00 -9.72
C PRO A 88 1.47 19.15 -9.10
N VAL A 89 0.89 19.83 -8.11
CA VAL A 89 1.59 20.92 -7.46
C VAL A 89 2.80 20.42 -6.70
N HIS A 90 2.76 19.17 -6.21
CA HIS A 90 3.95 18.61 -5.58
C HIS A 90 5.10 18.45 -6.57
N ILE A 91 4.79 17.98 -7.78
CA ILE A 91 5.82 17.84 -8.80
C ILE A 91 6.32 19.22 -9.25
N LEU A 92 5.42 20.19 -9.34
CA LEU A 92 5.85 21.54 -9.69
C LEU A 92 6.76 22.14 -8.63
N LEU A 93 6.44 21.90 -7.36
CA LEU A 93 7.31 22.35 -6.27
C LEU A 93 8.67 21.66 -6.32
N LEU A 94 8.67 20.35 -6.63
CA LEU A 94 9.93 19.63 -6.76
C LEU A 94 10.77 20.18 -7.90
N SER A 95 10.14 20.47 -9.03
CA SER A 95 10.86 21.05 -10.15
C SER A 95 11.40 22.44 -9.81
N LEU A 96 10.61 23.24 -9.09
CA LEU A 96 11.07 24.56 -8.68
C LEU A 96 12.26 24.48 -7.76
N THR A 97 12.23 23.55 -6.80
CA THR A 97 13.38 23.43 -5.90
C THR A 97 14.59 22.85 -6.62
N LEU A 98 14.38 21.99 -7.61
CA LEU A 98 15.50 21.50 -8.41
C LEU A 98 16.14 22.63 -9.21
N ALA A 99 15.33 23.48 -9.83
CA ALA A 99 15.87 24.61 -10.57
C ALA A 99 16.59 25.58 -9.64
N ASP A 100 16.04 25.82 -8.45
CA ASP A 100 16.70 26.69 -7.48
C ASP A 100 18.04 26.09 -7.04
N LEU A 101 18.08 24.78 -6.81
CA LEU A 101 19.32 24.13 -6.43
C LEU A 101 20.36 24.22 -7.53
N LEU A 102 19.95 24.02 -8.78
CA LEU A 102 20.88 24.12 -9.90
C LEU A 102 21.39 25.55 -10.03
N LEU A 103 20.53 26.54 -9.79
CA LEU A 103 20.98 27.93 -9.77
C LEU A 103 22.00 28.16 -8.66
N LEU A 104 21.75 27.60 -7.48
CA LEU A 104 22.67 27.77 -6.36
C LEU A 104 24.03 27.15 -6.65
N LEU A 105 24.05 25.99 -7.31
CA LEU A 105 25.31 25.36 -7.66
C LEU A 105 26.12 26.21 -8.63
N LEU A 106 25.45 27.04 -9.42
CA LEU A 106 26.13 27.94 -10.35
C LEU A 106 26.47 29.29 -9.74
N LEU A 107 26.06 29.53 -8.49
CA LEU A 107 26.41 30.78 -7.83
C LEU A 107 27.92 31.00 -7.67
N PRO A 108 28.74 30.00 -7.26
CA PRO A 108 30.18 30.29 -7.06
C PRO A 108 30.85 30.88 -8.28
N PHE A 109 30.48 30.47 -9.49
CA PHE A 109 31.04 31.08 -10.69
C PHE A 109 30.72 32.56 -10.73
N LYS A 110 29.48 32.94 -10.43
CA LYS A 110 29.11 34.35 -10.41
C LYS A 110 29.85 35.11 -9.33
N ILE A 111 30.03 34.50 -8.15
CA ILE A 111 30.67 35.21 -7.06
C ILE A 111 32.16 35.43 -7.37
N ILE A 112 32.82 34.45 -7.98
CA ILE A 112 34.22 34.65 -8.33
C ILE A 112 34.36 35.62 -9.50
N GLU A 113 33.41 35.60 -10.45
CA GLU A 113 33.43 36.57 -11.52
C GLU A 113 33.31 37.99 -10.98
N ALA A 114 32.38 38.20 -10.04
CA ALA A 114 32.26 39.50 -9.39
C ALA A 114 33.49 39.83 -8.57
N ALA A 115 34.13 38.82 -7.98
CA ALA A 115 35.38 39.05 -7.28
C ALA A 115 36.47 39.55 -8.21
N SER A 116 36.42 39.14 -9.48
CA SER A 116 37.33 39.70 -10.48
C SER A 116 36.72 40.96 -11.12
N ASN A 117 36.25 41.87 -10.28
CA ASN A 117 35.68 43.15 -10.72
C ASN A 117 34.57 42.96 -11.75
N PHE A 118 33.87 41.83 -11.66
CA PHE A 118 32.77 41.50 -12.57
C PHE A 118 33.20 41.58 -14.03
N ARG A 119 34.44 41.18 -14.32
CA ARG A 119 34.97 41.25 -15.67
C ARG A 119 36.20 40.36 -15.76
N TRP A 120 36.72 40.25 -16.98
CA TRP A 120 37.91 39.45 -17.32
C TRP A 120 37.94 38.13 -16.55
N TYR A 121 36.89 37.33 -16.78
CA TYR A 121 36.81 36.01 -16.16
C TYR A 121 37.99 35.15 -16.59
N LEU A 122 38.64 34.51 -15.61
CA LEU A 122 39.83 33.74 -15.90
C LEU A 122 39.58 32.57 -16.84
N PRO A 123 38.56 31.71 -16.62
CA PRO A 123 38.25 30.70 -17.63
C PRO A 123 37.57 31.33 -18.84
N LYS A 124 37.56 30.56 -19.94
CA LYS A 124 37.06 31.06 -21.22
C LYS A 124 35.83 30.31 -21.72
N VAL A 125 35.88 28.97 -21.72
CA VAL A 125 34.82 28.18 -22.35
C VAL A 125 33.74 27.83 -21.33
N VAL A 126 33.82 28.42 -20.14
CA VAL A 126 32.82 28.15 -19.10
C VAL A 126 31.86 29.32 -18.89
N CYS A 127 32.17 30.51 -19.44
CA CYS A 127 31.24 31.63 -19.34
C CYS A 127 29.92 31.30 -20.02
N ALA A 128 29.99 30.82 -21.26
CA ALA A 128 28.78 30.55 -22.03
C ALA A 128 27.97 29.40 -21.44
N LEU A 129 28.57 28.59 -20.58
CA LEU A 129 27.82 27.52 -19.92
C LEU A 129 27.21 28.00 -18.61
N THR A 130 28.01 28.68 -17.78
CA THR A 130 27.52 29.14 -16.48
C THR A 130 26.42 30.17 -16.65
N SER A 131 26.62 31.16 -17.53
CA SER A 131 25.59 32.18 -17.74
C SER A 131 24.33 31.57 -18.34
N PHE A 132 24.49 30.66 -19.29
CA PHE A 132 23.34 29.99 -19.89
C PHE A 132 22.54 29.23 -18.85
N GLY A 133 23.23 28.47 -18.00
CA GLY A 133 22.54 27.74 -16.95
C GLY A 133 21.86 28.66 -15.96
N PHE A 134 22.52 29.76 -15.58
CA PHE A 134 21.95 30.69 -14.63
C PHE A 134 20.67 31.31 -15.17
N TYR A 135 20.71 31.81 -16.40
CA TYR A 135 19.53 32.48 -16.96
C TYR A 135 18.42 31.48 -17.26
N SER A 136 18.78 30.28 -17.74
CA SER A 136 17.78 29.25 -17.96
C SER A 136 17.10 28.86 -16.65
N SER A 137 17.88 28.76 -15.57
CA SER A 137 17.29 28.45 -14.27
C SER A 137 16.37 29.57 -13.80
N ILE A 138 16.76 30.82 -14.02
CA ILE A 138 15.92 31.95 -13.63
C ILE A 138 14.58 31.87 -14.35
N TYR A 139 14.61 31.68 -15.67
CA TYR A 139 13.37 31.65 -16.42
C TYR A 139 12.54 30.40 -16.14
N CYS A 140 13.20 29.26 -15.90
CA CYS A 140 12.50 28.05 -15.52
C CYS A 140 11.81 28.23 -14.16
N SER A 141 12.47 28.91 -13.23
CA SER A 141 11.85 29.22 -11.96
C SER A 141 10.65 30.13 -12.14
N THR A 142 10.75 31.11 -13.04
CA THR A 142 9.61 31.97 -13.33
C THR A 142 8.42 31.17 -13.84
N TRP A 143 8.67 30.29 -14.81
CA TRP A 143 7.57 29.51 -15.39
C TRP A 143 7.01 28.51 -14.39
N LEU A 144 7.85 27.92 -13.54
CA LEU A 144 7.35 27.02 -12.52
C LEU A 144 6.54 27.76 -11.46
N LEU A 145 6.93 28.99 -11.13
CA LEU A 145 6.11 29.81 -10.25
C LEU A 145 4.75 30.09 -10.87
N ALA A 146 4.73 30.37 -12.18
CA ALA A 146 3.46 30.56 -12.87
C ALA A 146 2.61 29.30 -12.80
N GLY A 147 3.23 28.14 -13.00
CA GLY A 147 2.49 26.88 -12.92
C GLY A 147 1.95 26.62 -11.53
N ILE A 148 2.74 26.90 -10.50
CA ILE A 148 2.27 26.74 -9.13
C ILE A 148 1.11 27.69 -8.85
N SER A 149 1.18 28.91 -9.38
CA SER A 149 0.07 29.85 -9.23
C SER A 149 -1.19 29.32 -9.91
N ILE A 150 -1.04 28.72 -11.09
CA ILE A 150 -2.18 28.13 -11.78
C ILE A 150 -2.77 26.99 -10.95
N GLU A 151 -1.93 26.14 -10.37
CA GLU A 151 -2.43 25.06 -9.52
C GLU A 151 -3.16 25.60 -8.30
N ARG A 152 -2.63 26.65 -7.68
CA ARG A 152 -3.28 27.23 -6.51
C ARG A 152 -4.63 27.84 -6.89
N TYR A 153 -4.71 28.49 -8.05
CA TYR A 153 -5.98 29.05 -8.49
C TYR A 153 -6.98 27.94 -8.80
N LEU A 154 -6.52 26.85 -9.42
CA LEU A 154 -7.41 25.74 -9.73
C LEU A 154 -7.94 25.08 -8.46
N GLY A 155 -7.09 24.95 -7.44
CA GLY A 155 -7.48 24.30 -6.21
C GLY A 155 -8.54 25.02 -5.41
N VAL A 156 -8.79 26.30 -5.70
CA VAL A 156 -9.74 27.09 -4.95
C VAL A 156 -10.86 27.66 -5.82
N ALA A 157 -10.71 27.68 -7.14
CA ALA A 157 -11.78 28.15 -8.02
C ALA A 157 -12.50 27.02 -8.76
N PHE A 158 -11.83 25.89 -8.98
CA PHE A 158 -12.43 24.72 -9.62
C PHE A 158 -12.07 23.50 -8.78
N PRO A 159 -12.70 23.34 -7.62
CA PRO A 159 -12.28 22.26 -6.71
C PRO A 159 -12.63 20.88 -7.23
N VAL A 160 -13.84 20.70 -7.77
CA VAL A 160 -14.25 19.39 -8.26
C VAL A 160 -13.36 18.95 -9.43
N GLN A 161 -13.11 19.86 -10.36
CA GLN A 161 -12.27 19.52 -11.51
C GLN A 161 -10.83 19.23 -11.09
N TYR A 162 -10.30 20.01 -10.15
CA TYR A 162 -8.95 19.76 -9.66
C TYR A 162 -8.85 18.41 -8.96
N LYS A 163 -9.87 18.06 -8.16
CA LYS A 163 -9.86 16.75 -7.51
C LYS A 163 -9.95 15.62 -8.52
N LEU A 164 -10.81 15.80 -9.54
CA LEU A 164 -10.98 14.76 -10.55
C LEU A 164 -9.70 14.57 -11.36
N SER A 165 -9.04 15.65 -11.74
CA SER A 165 -7.83 15.60 -12.55
C SER A 165 -6.56 15.78 -11.72
N ARG A 166 -6.56 15.29 -10.48
CA ARG A 166 -5.37 15.34 -9.62
C ARG A 166 -4.50 14.13 -9.92
N ARG A 167 -3.86 14.16 -11.09
CA ARG A 167 -3.00 13.05 -11.50
C ARG A 167 -1.60 13.56 -11.79
N PRO A 168 -0.55 12.93 -11.26
CA PRO A 168 0.83 13.44 -11.38
C PRO A 168 1.31 13.58 -12.81
N LEU A 169 0.66 12.92 -13.78
CA LEU A 169 1.07 13.05 -15.16
C LEU A 169 0.94 14.49 -15.64
N TYR A 170 -0.14 15.17 -15.26
CA TYR A 170 -0.30 16.57 -15.63
C TYR A 170 0.78 17.45 -15.01
N GLY A 171 1.16 17.15 -13.77
CA GLY A 171 2.26 17.89 -13.15
C GLY A 171 3.57 17.69 -13.87
N VAL A 172 3.86 16.45 -14.27
CA VAL A 172 5.06 16.17 -15.04
C VAL A 172 5.02 16.91 -16.37
N ILE A 173 3.87 16.93 -17.03
CA ILE A 173 3.73 17.61 -18.31
C ILE A 173 3.97 19.11 -18.14
N ALA A 174 3.40 19.70 -17.09
CA ALA A 174 3.58 21.13 -16.86
C ALA A 174 5.05 21.46 -16.55
N ALA A 175 5.69 20.64 -15.72
CA ALA A 175 7.10 20.87 -15.42
C ALA A 175 7.96 20.74 -16.66
N LEU A 176 7.67 19.75 -17.51
CA LEU A 176 8.41 19.58 -18.75
C LEU A 176 8.17 20.76 -19.69
N VAL A 177 6.94 21.27 -19.74
CA VAL A 177 6.66 22.42 -20.60
C VAL A 177 7.43 23.64 -20.14
N ALA A 178 7.47 23.90 -18.83
CA ALA A 178 8.24 25.03 -18.32
C ALA A 178 9.73 24.84 -18.60
N TRP A 179 10.23 23.63 -18.35
CA TRP A 179 11.64 23.35 -18.59
C TRP A 179 12.01 23.55 -20.05
N VAL A 180 11.14 23.09 -20.96
CA VAL A 180 11.38 23.30 -22.39
C VAL A 180 11.35 24.79 -22.71
N MET A 181 10.29 25.49 -22.30
CA MET A 181 10.13 26.89 -22.67
C MET A 181 11.26 27.76 -22.13
N SER A 182 11.97 27.31 -21.11
CA SER A 182 13.16 28.05 -20.67
C SER A 182 14.44 27.54 -21.33
N PHE A 183 14.77 26.27 -21.11
CA PHE A 183 16.05 25.74 -21.54
C PHE A 183 16.18 25.69 -23.06
N GLY A 184 15.13 25.30 -23.77
CA GLY A 184 15.21 25.26 -25.22
C GLY A 184 15.36 26.64 -25.83
N HIS A 185 14.68 27.63 -25.27
CA HIS A 185 14.87 29.00 -25.73
C HIS A 185 16.32 29.44 -25.53
N CYS A 186 16.86 29.21 -24.33
CA CYS A 186 18.25 29.59 -24.08
C CYS A 186 19.21 28.81 -24.99
N THR A 187 18.90 27.53 -25.25
CA THR A 187 19.76 26.71 -26.09
C THR A 187 19.75 27.17 -27.54
N ILE A 188 18.58 27.49 -28.09
CA ILE A 188 18.55 27.99 -29.45
C ILE A 188 19.21 29.36 -29.54
N VAL A 189 19.09 30.18 -28.49
CA VAL A 189 19.76 31.48 -28.49
C VAL A 189 21.29 31.29 -28.52
N ILE A 190 21.80 30.38 -27.69
CA ILE A 190 23.24 30.17 -27.68
C ILE A 190 23.71 29.49 -28.96
N ILE A 191 22.84 28.69 -29.59
CA ILE A 191 23.20 28.04 -30.84
C ILE A 191 23.32 29.07 -31.97
N VAL A 192 22.31 29.95 -32.09
CA VAL A 192 22.40 31.00 -33.10
C VAL A 192 23.51 31.98 -32.76
N GLN A 193 23.93 32.05 -31.50
CA GLN A 193 25.13 32.81 -31.16
C GLN A 193 26.39 32.11 -31.67
N TYR A 194 26.41 30.78 -31.62
CA TYR A 194 27.54 30.01 -32.12
C TYR A 194 27.54 29.86 -33.63
N LEU A 195 26.41 30.20 -34.28
CA LEU A 195 26.35 30.14 -35.76
C LEU A 195 26.82 31.49 -36.32
N ASN A 196 27.70 32.17 -35.60
CA ASN A 196 28.22 33.48 -36.05
C ASN A 196 29.51 33.79 -35.29
N THR A 208 34.06 39.83 -18.60
CA THR A 208 33.66 38.78 -19.52
C THR A 208 32.34 38.14 -19.09
N CYS A 209 32.11 36.91 -19.55
CA CYS A 209 30.86 36.18 -19.31
C CYS A 209 29.64 37.00 -19.75
N TYR A 210 29.65 37.34 -21.04
CA TYR A 210 28.52 38.02 -21.70
C TYR A 210 28.21 39.35 -21.01
N GLU A 211 29.25 40.17 -20.89
CA GLU A 211 29.11 41.47 -20.23
C GLU A 211 29.30 42.61 -21.23
N ASN A 212 30.44 42.62 -21.92
CA ASN A 212 30.75 43.68 -22.86
C ASN A 212 30.60 43.17 -24.29
N PHE A 213 29.86 43.90 -25.11
CA PHE A 213 29.65 43.55 -26.52
C PHE A 213 30.04 44.72 -27.40
N THR A 214 29.81 44.58 -28.70
CA THR A 214 30.05 45.62 -29.68
C THR A 214 28.73 46.04 -30.32
N ASP A 215 28.75 47.21 -30.97
CA ASP A 215 27.53 47.76 -31.54
C ASP A 215 26.90 46.81 -32.56
N ASN A 216 27.72 46.00 -33.22
CA ASN A 216 27.15 44.99 -34.16
C ASN A 216 26.38 43.96 -33.34
N GLN A 217 26.94 43.52 -32.22
CA GLN A 217 26.30 42.46 -31.44
C GLN A 217 25.01 42.94 -30.78
N LEU A 218 24.92 44.22 -30.42
CA LEU A 218 23.73 44.73 -29.76
C LEU A 218 22.50 44.62 -30.65
N ASP A 219 22.67 44.82 -31.97
CA ASP A 219 21.54 44.73 -32.89
C ASP A 219 20.90 43.36 -32.89
N VAL A 220 21.59 42.34 -32.40
CA VAL A 220 21.03 41.01 -32.24
C VAL A 220 20.65 40.73 -30.79
N VAL A 221 21.44 41.24 -29.84
CA VAL A 221 21.17 40.98 -28.43
C VAL A 221 19.85 41.61 -28.01
N LEU A 222 19.60 42.86 -28.40
CA LEU A 222 18.41 43.55 -27.97
C LEU A 222 17.11 42.88 -28.41
N PRO A 223 16.93 42.47 -29.67
CA PRO A 223 15.71 41.73 -30.01
C PRO A 223 15.53 40.46 -29.20
N VAL A 224 16.63 39.76 -28.90
CA VAL A 224 16.54 38.54 -28.10
C VAL A 224 16.03 38.86 -26.70
N ARG A 225 16.57 39.92 -26.09
CA ARG A 225 16.11 40.32 -24.76
C ARG A 225 14.65 40.76 -24.78
N LEU A 226 14.26 41.49 -25.83
CA LEU A 226 12.86 41.91 -25.96
C LEU A 226 11.93 40.71 -26.05
N GLU A 227 12.30 39.71 -26.86
CA GLU A 227 11.49 38.51 -26.97
C GLU A 227 11.43 37.77 -25.63
N LEU A 228 12.57 37.65 -24.95
CA LEU A 228 12.61 36.95 -23.68
C LEU A 228 11.76 37.66 -22.62
N CYS A 229 11.65 38.98 -22.71
CA CYS A 229 10.84 39.72 -21.74
C CYS A 229 9.36 39.75 -22.12
N LEU A 230 9.04 39.68 -23.41
CA LEU A 230 7.68 39.85 -23.86
C LEU A 230 6.90 38.56 -24.02
N VAL A 231 7.53 37.48 -24.48
CA VAL A 231 6.84 36.21 -24.71
C VAL A 231 7.31 35.11 -23.78
N LEU A 232 8.36 35.33 -23.00
CA LEU A 232 8.87 34.30 -22.11
C LEU A 232 8.76 34.68 -20.63
N PHE A 233 8.60 35.96 -20.30
CA PHE A 233 8.40 36.38 -18.93
C PHE A 233 7.05 37.06 -18.71
N PHE A 234 6.59 37.87 -19.65
CA PHE A 234 5.33 38.58 -19.45
C PHE A 234 4.16 37.60 -19.32
N ILE A 235 4.13 36.56 -20.15
CA ILE A 235 3.07 35.56 -20.05
C ILE A 235 3.06 34.86 -18.70
N PRO A 236 4.18 34.32 -18.19
CA PRO A 236 4.15 33.78 -16.81
C PRO A 236 3.79 34.84 -15.78
N MET A 237 4.29 36.07 -15.93
CA MET A 237 3.95 37.12 -14.99
C MET A 237 2.46 37.45 -15.05
N ALA A 238 1.91 37.55 -16.26
CA ALA A 238 0.49 37.86 -16.40
C ALA A 238 -0.38 36.77 -15.78
N VAL A 239 -0.07 35.50 -16.08
CA VAL A 239 -0.90 34.43 -15.54
C VAL A 239 -0.74 34.33 -14.03
N THR A 240 0.47 34.56 -13.51
CA THR A 240 0.66 34.54 -12.07
C THR A 240 -0.15 35.64 -11.39
N ILE A 241 -0.09 36.86 -11.94
CA ILE A 241 -0.83 37.97 -11.35
C ILE A 241 -2.32 37.70 -11.38
N PHE A 242 -2.83 37.25 -12.54
CA PHE A 242 -4.26 37.00 -12.67
C PHE A 242 -4.72 35.88 -11.72
N CYS A 243 -4.00 34.76 -11.71
CA CYS A 243 -4.40 33.64 -10.87
C CYS A 243 -4.33 33.99 -9.39
N TYR A 244 -3.28 34.70 -8.97
CA TYR A 244 -3.18 35.04 -7.55
C TYR A 244 -4.21 36.10 -7.16
N TRP A 245 -4.52 37.03 -8.04
CA TRP A 245 -5.57 38.00 -7.75
C TRP A 245 -6.92 37.29 -7.58
N ARG A 246 -7.24 36.39 -8.51
CA ARG A 246 -8.49 35.65 -8.41
C ARG A 246 -8.52 34.79 -7.15
N PHE A 247 -7.40 34.14 -6.82
CA PHE A 247 -7.33 33.31 -5.63
C PHE A 247 -7.55 34.13 -4.37
N VAL A 248 -6.91 35.32 -4.29
CA VAL A 248 -7.06 36.17 -3.12
C VAL A 248 -8.51 36.63 -2.98
N TRP A 249 -9.12 37.05 -4.10
CA TRP A 249 -10.51 37.47 -4.03
C TRP A 249 -11.43 36.33 -3.62
N ILE A 250 -11.18 35.12 -4.14
CA ILE A 250 -12.01 33.97 -3.79
C ILE A 250 -11.87 33.65 -2.31
N MET A 251 -10.65 33.64 -1.79
CA MET A 251 -10.44 33.34 -0.38
C MET A 251 -10.98 34.44 0.52
N LEU A 252 -11.03 35.68 0.04
CA LEU A 252 -11.65 36.74 0.81
C LEU A 252 -13.16 36.75 0.70
N SER A 253 -13.71 36.03 -0.29
CA SER A 253 -15.16 35.88 -0.43
C SER A 253 -15.63 34.47 -0.09
N GLN A 254 -14.86 33.76 0.74
CA GLN A 254 -15.22 32.41 1.15
C GLN A 254 -15.71 32.44 2.58
N PRO A 255 -17.02 32.27 2.83
CA PRO A 255 -17.55 32.34 4.20
C PRO A 255 -17.56 30.99 4.91
N LEU A 256 -16.40 30.33 4.94
CA LEU A 256 -16.25 29.06 5.65
C LEU A 256 -15.22 29.14 6.76
N VAL A 257 -14.01 29.62 6.46
CA VAL A 257 -12.92 29.71 7.43
C VAL A 257 -12.77 31.17 7.81
N GLY A 258 -12.67 31.44 9.11
CA GLY A 258 -12.54 32.80 9.59
C GLY A 258 -11.16 33.38 9.32
N ALA A 259 -10.94 34.57 9.88
CA ALA A 259 -9.68 35.28 9.69
C ALA A 259 -8.50 34.59 10.35
N GLN A 260 -8.73 33.58 11.19
CA GLN A 260 -7.62 32.92 11.88
C GLN A 260 -6.79 32.05 10.94
N ARG A 261 -7.33 31.60 9.81
CA ARG A 261 -6.52 30.71 8.94
C ARG A 261 -6.59 31.14 7.48
N ARG A 262 -7.73 31.69 7.04
CA ARG A 262 -7.80 32.22 5.65
C ARG A 262 -6.76 33.31 5.48
N ARG A 263 -6.58 34.17 6.49
CA ARG A 263 -5.53 35.22 6.39
C ARG A 263 -4.18 34.54 6.11
N ARG A 264 -3.88 33.45 6.82
CA ARG A 264 -2.59 32.81 6.63
C ARG A 264 -2.36 32.35 5.20
N ALA A 265 -3.43 32.22 4.41
CA ALA A 265 -3.30 31.88 3.00
C ALA A 265 -3.31 33.13 2.12
N VAL A 266 -4.16 34.10 2.45
CA VAL A 266 -4.21 35.34 1.67
C VAL A 266 -2.88 36.09 1.77
N GLY A 267 -2.33 36.20 2.99
CA GLY A 267 -1.05 36.85 3.15
C GLY A 267 0.08 36.08 2.49
N LEU A 268 0.02 34.74 2.54
CA LEU A 268 1.03 33.94 1.86
C LEU A 268 0.99 34.17 0.35
N ALA A 269 -0.20 34.22 -0.24
CA ALA A 269 -0.31 34.48 -1.67
C ALA A 269 0.18 35.88 -2.01
N VAL A 270 -0.16 36.87 -1.18
CA VAL A 270 0.29 38.24 -1.43
C VAL A 270 1.80 38.31 -1.37
N VAL A 271 2.41 37.65 -0.38
CA VAL A 271 3.86 37.64 -0.24
C VAL A 271 4.51 36.94 -1.43
N THR A 272 3.91 35.84 -1.90
CA THR A 272 4.46 35.14 -3.05
C THR A 272 4.41 36.01 -4.31
N LEU A 273 3.29 36.70 -4.53
CA LEU A 273 3.19 37.57 -5.69
C LEU A 273 4.18 38.73 -5.58
N LEU A 274 4.33 39.32 -4.40
CA LEU A 274 5.28 40.40 -4.21
C LEU A 274 6.71 39.92 -4.42
N ASN A 275 7.04 38.73 -3.92
CA ASN A 275 8.37 38.17 -4.14
C ASN A 275 8.64 37.94 -5.62
N PHE A 276 7.64 37.42 -6.34
CA PHE A 276 7.78 37.23 -7.78
C PHE A 276 8.06 38.56 -8.47
N LEU A 277 7.21 39.57 -8.22
CA LEU A 277 7.35 40.85 -8.91
C LEU A 277 8.58 41.63 -8.47
N VAL A 278 9.15 41.32 -7.31
CA VAL A 278 10.34 42.00 -6.85
C VAL A 278 11.61 41.31 -7.33
N CYS A 279 11.59 39.98 -7.43
CA CYS A 279 12.78 39.25 -7.89
C CYS A 279 12.89 39.25 -9.41
N PHE A 280 11.86 38.75 -10.09
CA PHE A 280 11.94 38.61 -11.54
C PHE A 280 11.53 39.87 -12.29
N GLY A 281 11.22 40.95 -11.59
CA GLY A 281 10.81 42.18 -12.20
C GLY A 281 11.95 42.99 -12.78
N PRO A 282 12.85 43.48 -11.91
CA PRO A 282 13.91 44.39 -12.39
C PRO A 282 14.77 43.81 -13.50
N TYR A 283 15.13 42.54 -13.42
CA TYR A 283 15.93 41.95 -14.46
C TYR A 283 15.23 42.00 -15.80
N ASN A 284 13.96 41.68 -15.82
CA ASN A 284 13.24 41.65 -17.08
C ASN A 284 12.93 43.04 -17.62
N VAL A 285 12.62 44.01 -16.75
CA VAL A 285 12.41 45.36 -17.27
C VAL A 285 13.73 45.96 -17.73
N SER A 286 14.85 45.44 -17.23
CA SER A 286 16.15 45.84 -17.78
C SER A 286 16.25 45.56 -19.26
N HIS A 287 15.59 44.50 -19.74
CA HIS A 287 15.60 44.21 -21.17
C HIS A 287 14.93 45.33 -21.96
N LEU A 288 13.76 45.77 -21.51
CA LEU A 288 13.06 46.87 -22.18
C LEU A 288 13.86 48.15 -22.09
N VAL A 289 14.48 48.41 -20.94
CA VAL A 289 15.30 49.61 -20.78
C VAL A 289 16.47 49.59 -21.76
N GLY A 290 17.17 48.46 -21.83
CA GLY A 290 18.30 48.35 -22.74
C GLY A 290 17.90 48.50 -24.19
N TYR A 291 16.74 47.94 -24.56
CA TYR A 291 16.26 48.15 -25.92
C TYR A 291 15.92 49.62 -26.18
N HIS A 292 15.32 50.29 -25.20
CA HIS A 292 14.94 51.68 -25.38
C HIS A 292 16.16 52.58 -25.56
N GLN A 293 17.18 52.40 -24.72
CA GLN A 293 18.39 53.20 -24.82
C GLN A 293 19.45 52.58 -25.73
N ARG A 294 19.18 51.42 -26.32
CA ARG A 294 20.09 50.77 -27.27
C ARG A 294 21.46 50.56 -26.67
N LYS A 295 21.50 50.17 -25.40
CA LYS A 295 22.76 49.90 -24.72
C LYS A 295 22.52 48.88 -23.61
N SER A 296 23.59 48.22 -23.20
CA SER A 296 23.51 47.25 -22.11
C SER A 296 23.34 47.99 -20.79
N PRO A 297 22.28 47.75 -20.03
CA PRO A 297 22.09 48.46 -18.76
C PRO A 297 23.22 48.14 -17.78
N TRP A 298 23.64 49.18 -17.04
CA TRP A 298 24.74 49.00 -16.10
C TRP A 298 24.30 48.26 -14.84
N TRP A 299 23.03 48.35 -14.47
CA TRP A 299 22.52 47.74 -13.26
C TRP A 299 22.05 46.31 -13.47
N ARG A 300 22.49 45.67 -14.56
CA ARG A 300 22.11 44.28 -14.79
C ARG A 300 22.66 43.36 -13.70
N SER A 301 23.76 43.74 -13.06
CA SER A 301 24.31 42.93 -11.98
C SER A 301 23.38 42.90 -10.78
N ILE A 302 22.93 44.06 -10.31
CA ILE A 302 21.99 44.08 -9.20
C ILE A 302 20.65 43.47 -9.63
N ALA A 303 20.30 43.61 -10.92
CA ALA A 303 19.08 42.99 -11.40
C ALA A 303 19.14 41.46 -11.29
N VAL A 304 20.25 40.86 -11.71
CA VAL A 304 20.35 39.40 -11.63
C VAL A 304 20.52 38.97 -10.19
N VAL A 305 21.10 39.83 -9.34
CA VAL A 305 21.16 39.51 -7.91
C VAL A 305 19.75 39.41 -7.35
N PHE A 306 18.90 40.39 -7.66
CA PHE A 306 17.51 40.34 -7.20
C PHE A 306 16.77 39.14 -7.78
N SER A 307 17.04 38.81 -9.05
CA SER A 307 16.41 37.67 -9.67
C SER A 307 16.80 36.37 -8.98
N SER A 308 18.08 36.24 -8.60
CA SER A 308 18.53 35.04 -7.92
C SER A 308 18.09 34.99 -6.46
N LEU A 309 17.73 36.13 -5.88
CA LEU A 309 17.24 36.14 -4.50
C LEU A 309 16.04 35.20 -4.34
N ASN A 310 15.22 35.05 -5.38
CA ASN A 310 14.09 34.13 -5.29
C ASN A 310 14.55 32.69 -5.14
N ALA A 311 15.70 32.34 -5.71
CA ALA A 311 16.19 30.97 -5.60
C ALA A 311 16.45 30.56 -4.16
N SER A 312 16.71 31.52 -3.28
CA SER A 312 16.86 31.24 -1.86
C SER A 312 15.59 31.53 -1.07
N LEU A 313 14.78 32.49 -1.49
CA LEU A 313 13.55 32.80 -0.77
C LEU A 313 12.43 31.80 -1.05
N ASP A 314 12.54 30.98 -2.10
CA ASP A 314 11.47 30.05 -2.44
C ASP A 314 11.20 29.00 -1.38
N PRO A 315 12.20 28.29 -0.83
CA PRO A 315 11.88 27.31 0.22
C PRO A 315 11.26 27.93 1.46
N LEU A 316 11.52 29.21 1.73
CA LEU A 316 10.88 29.87 2.86
C LEU A 316 9.37 29.97 2.64
N LEU A 317 8.94 30.25 1.41
CA LEU A 317 7.53 30.45 1.13
C LEU A 317 6.81 29.18 0.71
N PHE A 318 7.54 28.12 0.34
CA PHE A 318 6.90 26.92 -0.17
C PHE A 318 7.04 25.71 0.73
N TYR A 319 8.12 25.60 1.51
CA TYR A 319 8.32 24.47 2.39
C TYR A 319 8.39 24.86 3.86
N PHE A 320 9.16 25.88 4.20
CA PHE A 320 9.34 26.29 5.59
C PHE A 320 8.21 27.16 6.11
N SER A 321 7.07 27.18 5.42
CA SER A 321 5.90 27.88 5.92
C SER A 321 4.95 26.95 6.67
N SER A 322 4.89 25.68 6.27
CA SER A 322 4.03 24.73 6.96
C SER A 322 4.60 24.38 8.34
N SER A 323 5.90 24.09 8.40
CA SER A 323 6.53 23.74 9.67
C SER A 323 6.76 24.95 10.57
N VAL A 324 6.56 26.16 10.06
CA VAL A 324 6.75 27.37 10.86
C VAL A 324 5.53 28.28 10.73
N THR B 4 22.27 -10.18 -14.44
CA THR B 4 21.91 -10.36 -13.05
C THR B 4 20.49 -10.87 -12.91
N LEU B 5 19.70 -10.73 -13.97
CA LEU B 5 18.31 -11.20 -14.00
C LEU B 5 18.16 -12.29 -15.03
N SER B 6 17.51 -13.38 -14.64
CA SER B 6 17.29 -14.51 -15.52
C SER B 6 16.19 -14.19 -16.53
N ALA B 7 15.96 -15.11 -17.46
CA ALA B 7 14.88 -14.94 -18.42
C ALA B 7 13.52 -14.98 -17.73
N GLU B 8 13.36 -15.88 -16.75
CA GLU B 8 12.12 -15.91 -15.99
C GLU B 8 12.06 -14.77 -14.98
N ASP B 9 13.20 -14.44 -14.36
CA ASP B 9 13.22 -13.33 -13.41
C ASP B 9 12.89 -12.00 -14.09
N LYS B 10 13.37 -11.81 -15.32
CA LYS B 10 13.03 -10.60 -16.06
C LYS B 10 11.53 -10.53 -16.34
N ALA B 11 10.92 -11.66 -16.69
CA ALA B 11 9.49 -11.68 -16.93
C ALA B 11 8.69 -11.50 -15.64
N ALA B 12 9.23 -11.94 -14.51
CA ALA B 12 8.57 -11.73 -13.23
C ALA B 12 8.50 -10.24 -12.90
N VAL B 13 9.55 -9.49 -13.20
CA VAL B 13 9.54 -8.05 -12.98
C VAL B 13 8.50 -7.38 -13.87
N GLU B 14 8.38 -7.84 -15.11
CA GLU B 14 7.37 -7.29 -16.01
C GLU B 14 5.97 -7.52 -15.46
N ARG B 15 5.74 -8.69 -14.84
CA ARG B 15 4.46 -8.92 -14.16
C ARG B 15 4.25 -7.92 -13.03
N SER B 16 5.29 -7.65 -12.26
CA SER B 16 5.18 -6.68 -11.17
C SER B 16 4.89 -5.28 -11.71
N LYS B 17 5.55 -4.91 -12.82
CA LYS B 17 5.29 -3.60 -13.42
C LYS B 17 3.87 -3.50 -13.93
N MET B 18 3.36 -4.57 -14.56
CA MET B 18 1.98 -4.56 -15.02
C MET B 18 1.01 -4.51 -13.84
N ILE B 19 1.32 -5.21 -12.76
CA ILE B 19 0.48 -5.16 -11.56
C ILE B 19 0.51 -3.76 -10.96
N ASP B 20 1.69 -3.14 -10.93
CA ASP B 20 1.82 -1.81 -10.32
C ASP B 20 1.02 -0.76 -11.07
N ARG B 21 0.92 -0.86 -12.39
CA ARG B 21 0.12 0.10 -13.15
C ARG B 21 -1.35 0.01 -12.80
N ASN B 22 -1.86 -1.21 -12.58
CA ASN B 22 -3.26 -1.37 -12.23
C ASN B 22 -3.57 -0.72 -10.88
N LEU B 23 -2.66 -0.84 -9.92
CA LEU B 23 -2.85 -0.18 -8.63
C LEU B 23 -2.87 1.33 -8.79
N ARG B 24 -1.95 1.87 -9.59
CA ARG B 24 -1.95 3.30 -9.86
C ARG B 24 -3.21 3.74 -10.58
N GLU B 25 -3.66 2.94 -11.56
CA GLU B 25 -4.90 3.26 -12.26
C GLU B 25 -6.10 3.18 -11.32
N ASP B 26 -6.09 2.25 -10.38
CA ASP B 26 -7.13 2.14 -9.38
C ASP B 26 -6.87 3.00 -8.14
N GLY B 27 -5.71 3.66 -8.09
CA GLY B 27 -5.43 4.56 -6.99
C GLY B 27 -5.74 6.00 -7.35
N GLU B 28 -5.71 6.29 -8.65
CA GLU B 28 -6.06 7.65 -9.15
C GLU B 28 -7.55 7.69 -9.44
N LYS B 29 -8.24 6.56 -9.33
CA LYS B 29 -9.70 6.53 -9.48
C LYS B 29 -10.42 6.50 -8.15
N ALA B 30 -9.84 5.86 -7.13
CA ALA B 30 -10.45 5.89 -5.80
C ALA B 30 -10.42 7.27 -5.18
N ALA B 31 -9.34 8.03 -5.43
CA ALA B 31 -9.26 9.39 -4.91
C ALA B 31 -10.27 10.31 -5.56
N ARG B 32 -10.72 10.00 -6.77
CA ARG B 32 -11.76 10.79 -7.41
C ARG B 32 -13.08 10.69 -6.65
N GLU B 33 -13.39 9.53 -6.10
CA GLU B 33 -14.61 9.34 -5.33
C GLU B 33 -14.53 10.04 -3.98
N VAL B 34 -15.69 10.31 -3.41
CA VAL B 34 -15.81 10.98 -2.11
C VAL B 34 -16.41 9.99 -1.13
N LYS B 35 -15.77 9.82 0.02
CA LYS B 35 -16.21 8.86 1.03
C LYS B 35 -16.90 9.62 2.15
N LEU B 36 -18.15 9.24 2.42
CA LEU B 36 -18.93 9.82 3.50
C LEU B 36 -19.37 8.71 4.45
N LEU B 37 -19.26 8.96 5.75
CA LEU B 37 -19.64 7.99 6.77
C LEU B 37 -20.97 8.42 7.37
N LEU B 38 -22.05 7.72 7.00
CA LEU B 38 -23.36 7.97 7.59
C LEU B 38 -23.38 7.33 8.99
N LEU B 39 -22.97 8.14 9.97
CA LEU B 39 -22.90 7.69 11.36
C LEU B 39 -24.13 8.25 12.07
N GLY B 40 -25.25 7.55 11.91
CA GLY B 40 -26.49 7.98 12.52
C GLY B 40 -26.61 7.55 13.97
N ALA B 41 -27.67 8.04 14.60
CA ALA B 41 -27.97 7.68 15.98
C ALA B 41 -28.77 6.38 16.00
N GLY B 42 -29.30 6.01 17.16
CA GLY B 42 -30.08 4.80 17.26
C GLY B 42 -31.44 4.89 16.61
N GLU B 43 -31.59 4.23 15.46
CA GLU B 43 -32.83 4.20 14.67
C GLU B 43 -33.55 5.54 14.66
N SER B 44 -32.78 6.61 14.43
CA SER B 44 -33.33 7.96 14.35
C SER B 44 -33.63 8.34 12.91
N GLY B 45 -32.61 8.35 12.06
CA GLY B 45 -32.78 8.63 10.65
C GLY B 45 -32.21 7.52 9.78
N LYS B 46 -31.27 7.87 8.91
CA LYS B 46 -30.53 6.92 8.08
C LYS B 46 -31.44 6.17 7.11
N ASN B 47 -32.72 6.56 7.01
CA ASN B 47 -33.64 5.88 6.11
C ASN B 47 -34.32 6.89 5.19
N THR B 48 -34.62 8.09 5.71
CA THR B 48 -35.25 9.12 4.90
C THR B 48 -34.25 9.72 3.91
N ILE B 49 -33.03 10.01 4.36
CA ILE B 49 -32.05 10.67 3.50
C ILE B 49 -31.57 9.72 2.40
N VAL B 50 -31.32 8.45 2.75
CA VAL B 50 -30.75 7.53 1.77
C VAL B 50 -31.69 7.31 0.60
N LYS B 51 -33.00 7.48 0.81
CA LYS B 51 -33.94 7.37 -0.30
C LYS B 51 -33.73 8.49 -1.30
N GLN B 52 -33.43 9.71 -0.82
CA GLN B 52 -33.25 10.85 -1.72
C GLN B 52 -32.01 10.66 -2.59
N MET B 53 -30.87 10.34 -1.99
CA MET B 53 -29.63 10.13 -2.74
C MET B 53 -29.45 8.63 -3.05
N LYS B 54 -30.38 8.12 -3.85
CA LYS B 54 -30.34 6.75 -4.35
C LYS B 54 -30.26 5.73 -3.21
N THR B 182 -23.35 -8.25 6.31
CA THR B 182 -24.33 -7.88 7.33
C THR B 182 -23.79 -6.76 8.22
N GLY B 183 -22.63 -6.22 7.84
CA GLY B 183 -22.03 -5.13 8.58
C GLY B 183 -22.05 -3.83 7.82
N ILE B 184 -20.92 -3.46 7.22
CA ILE B 184 -20.86 -2.26 6.41
C ILE B 184 -21.72 -2.44 5.16
N VAL B 185 -22.62 -1.49 4.93
CA VAL B 185 -23.38 -1.40 3.68
C VAL B 185 -23.01 -0.08 3.02
N GLU B 186 -22.69 -0.13 1.74
CA GLU B 186 -22.22 1.03 1.00
C GLU B 186 -23.30 1.46 0.02
N THR B 187 -23.71 2.73 0.11
CA THR B 187 -24.64 3.34 -0.84
C THR B 187 -23.85 4.28 -1.73
N HIS B 188 -23.87 4.00 -3.04
CA HIS B 188 -23.10 4.76 -4.01
C HIS B 188 -24.05 5.62 -4.82
N PHE B 189 -23.85 6.94 -4.79
CA PHE B 189 -24.63 7.87 -5.59
C PHE B 189 -23.71 8.94 -6.13
N THR B 190 -24.11 9.53 -7.26
CA THR B 190 -23.31 10.52 -7.97
C THR B 190 -24.09 11.83 -8.06
N PHE B 191 -23.39 12.94 -7.90
CA PHE B 191 -23.99 14.26 -8.03
C PHE B 191 -22.96 15.25 -8.56
N LYS B 192 -23.30 15.90 -9.67
CA LYS B 192 -22.44 16.93 -10.28
C LYS B 192 -21.05 16.39 -10.58
N ASP B 193 -21.01 15.27 -11.32
CA ASP B 193 -19.77 14.64 -11.76
C ASP B 193 -18.87 14.27 -10.59
N LEU B 194 -19.46 14.02 -9.43
CA LEU B 194 -18.72 13.58 -8.25
C LEU B 194 -19.38 12.33 -7.69
N HIS B 195 -18.59 11.30 -7.44
CA HIS B 195 -19.10 10.02 -6.96
C HIS B 195 -18.93 9.95 -5.45
N PHE B 196 -20.03 9.74 -4.74
CA PHE B 196 -20.02 9.64 -3.29
C PHE B 196 -20.24 8.19 -2.87
N LYS B 197 -19.43 7.74 -1.92
CA LYS B 197 -19.61 6.43 -1.29
C LYS B 197 -20.03 6.66 0.16
N MET B 198 -21.15 6.07 0.55
CA MET B 198 -21.74 6.28 1.86
C MET B 198 -21.80 4.95 2.60
N PHE B 199 -21.15 4.89 3.75
CA PHE B 199 -21.01 3.65 4.52
C PHE B 199 -21.85 3.76 5.80
N ASP B 200 -22.99 3.08 5.80
CA ASP B 200 -23.87 3.04 6.96
C ASP B 200 -23.32 2.01 7.94
N VAL B 201 -22.55 2.48 8.93
CA VAL B 201 -21.89 1.58 9.87
C VAL B 201 -22.74 1.30 11.11
N GLY B 202 -23.92 1.91 11.22
CA GLY B 202 -24.76 1.73 12.40
C GLY B 202 -25.28 0.32 12.59
N ALA B 203 -25.15 -0.55 11.58
CA ALA B 203 -25.63 -1.92 11.71
C ALA B 203 -24.87 -2.67 12.79
N GLN B 204 -23.55 -2.49 12.87
CA GLN B 204 -22.74 -3.19 13.84
C GLN B 204 -23.05 -2.71 15.26
N ARG B 205 -23.11 -3.66 16.20
CA ARG B 205 -23.35 -3.36 17.60
C ARG B 205 -22.09 -3.43 18.45
N SER B 206 -20.92 -3.60 17.82
CA SER B 206 -19.67 -3.72 18.54
C SER B 206 -19.22 -2.35 19.05
N GLU B 207 -18.04 -2.33 19.67
CA GLU B 207 -17.51 -1.08 20.21
C GLU B 207 -17.07 -0.16 19.08
N ARG B 208 -17.51 1.09 19.15
CA ARG B 208 -17.23 2.04 18.06
C ARG B 208 -15.73 2.34 17.97
N LYS B 209 -15.07 2.47 19.11
CA LYS B 209 -13.67 2.91 19.12
C LYS B 209 -12.73 1.95 18.41
N LYS B 210 -13.01 0.65 18.45
CA LYS B 210 -12.09 -0.34 17.94
C LYS B 210 -12.05 -0.44 16.42
N TRP B 211 -13.05 0.10 15.72
CA TRP B 211 -13.06 0.07 14.26
C TRP B 211 -13.29 1.42 13.61
N ILE B 212 -13.35 2.51 14.38
CA ILE B 212 -13.61 3.82 13.80
C ILE B 212 -12.36 4.47 13.24
N HIS B 213 -11.18 3.94 13.55
CA HIS B 213 -9.96 4.46 12.93
C HIS B 213 -9.89 4.10 11.45
N CYS B 214 -10.68 3.12 11.00
CA CYS B 214 -10.73 2.80 9.58
C CYS B 214 -11.29 3.96 8.78
N PHE B 215 -12.17 4.75 9.38
CA PHE B 215 -12.82 5.86 8.69
C PHE B 215 -12.05 7.17 8.81
N GLU B 216 -10.91 7.17 9.50
CA GLU B 216 -10.09 8.37 9.54
C GLU B 216 -9.59 8.72 8.15
N GLY B 217 -10.08 9.82 7.59
CA GLY B 217 -9.80 10.19 6.21
C GLY B 217 -11.04 10.36 5.36
N VAL B 218 -12.24 10.18 5.90
CA VAL B 218 -13.45 10.43 5.13
C VAL B 218 -13.60 11.93 4.89
N THR B 219 -14.21 12.29 3.77
CA THR B 219 -14.40 13.69 3.45
C THR B 219 -15.31 14.37 4.47
N ALA B 220 -16.39 13.70 4.87
CA ALA B 220 -17.32 14.27 5.83
C ALA B 220 -18.05 13.13 6.53
N ILE B 221 -18.69 13.48 7.65
CA ILE B 221 -19.48 12.54 8.43
C ILE B 221 -20.92 13.01 8.39
N ILE B 222 -21.80 12.21 7.79
CA ILE B 222 -23.21 12.60 7.64
C ILE B 222 -23.93 12.11 8.90
N PHE B 223 -23.86 12.92 9.94
CA PHE B 223 -24.60 12.64 11.15
C PHE B 223 -26.09 12.88 10.92
N CYS B 224 -26.92 12.07 11.58
CA CYS B 224 -28.36 12.14 11.38
C CYS B 224 -29.05 12.06 12.74
N VAL B 225 -29.83 13.10 13.06
CA VAL B 225 -30.59 13.17 14.31
C VAL B 225 -32.04 13.45 13.99
N ALA B 226 -32.94 12.73 14.66
CA ALA B 226 -34.37 12.86 14.43
C ALA B 226 -34.97 13.79 15.48
N LEU B 227 -35.62 14.86 15.03
CA LEU B 227 -36.27 15.80 15.94
C LEU B 227 -37.48 15.19 16.63
N SER B 228 -38.06 14.13 16.07
CA SER B 228 -39.25 13.51 16.63
C SER B 228 -38.97 12.77 17.94
N ASP B 229 -37.70 12.57 18.29
CA ASP B 229 -37.32 11.83 19.48
C ASP B 229 -37.02 12.75 20.67
N TYR B 230 -37.43 14.02 20.58
CA TYR B 230 -37.16 14.96 21.67
C TYR B 230 -37.88 14.59 22.95
N ASP B 231 -38.97 13.83 22.87
CA ASP B 231 -39.69 13.37 24.04
C ASP B 231 -39.70 11.87 24.22
N LEU B 232 -39.50 11.10 23.16
CA LEU B 232 -39.49 9.64 23.27
C LEU B 232 -38.30 9.15 24.08
N VAL B 233 -38.51 8.07 24.82
CA VAL B 233 -37.49 7.49 25.67
C VAL B 233 -36.99 6.20 25.02
N LEU B 234 -35.71 5.89 25.27
CA LEU B 234 -35.10 4.71 24.68
C LEU B 234 -35.85 3.44 25.09
N ALA B 235 -36.13 2.59 24.10
CA ALA B 235 -36.83 1.35 24.38
C ALA B 235 -36.00 0.41 25.26
N GLU B 236 -34.69 0.34 24.99
CA GLU B 236 -33.84 -0.58 25.73
C GLU B 236 -33.48 -0.06 27.11
N ASP B 237 -33.71 1.22 27.39
CA ASP B 237 -33.35 1.81 28.68
C ASP B 237 -34.55 2.32 29.45
N GLU B 238 -35.47 3.02 28.79
CA GLU B 238 -36.67 3.58 29.40
C GLU B 238 -36.34 4.60 30.51
N GLU B 239 -35.10 5.08 30.53
CA GLU B 239 -34.69 6.07 31.52
C GLU B 239 -34.05 7.28 30.84
N MET B 240 -33.31 7.02 29.76
CA MET B 240 -32.58 8.06 29.03
C MET B 240 -33.39 8.47 27.81
N ASN B 241 -33.55 9.78 27.63
CA ASN B 241 -34.27 10.30 26.47
C ASN B 241 -33.54 9.95 25.19
N ARG B 242 -34.32 9.67 24.14
CA ARG B 242 -33.72 9.30 22.86
C ARG B 242 -32.88 10.42 22.28
N MET B 243 -33.34 11.67 22.43
CA MET B 243 -32.52 12.80 22.01
C MET B 243 -31.22 12.89 22.80
N HIS B 244 -31.30 12.65 24.11
CA HIS B 244 -30.10 12.67 24.94
C HIS B 244 -29.13 11.56 24.54
N ALA B 245 -29.66 10.43 24.05
CA ALA B 245 -28.78 9.39 23.52
C ALA B 245 -28.02 9.89 22.31
N SER B 246 -28.69 10.65 21.43
CA SER B 246 -28.00 11.22 20.28
C SER B 246 -26.94 12.21 20.70
N MET B 247 -27.23 13.04 21.70
CA MET B 247 -26.26 14.02 22.17
C MET B 247 -25.03 13.33 22.77
N LYS B 248 -25.23 12.23 23.48
CA LYS B 248 -24.10 11.50 24.07
C LYS B 248 -23.18 10.96 22.99
N LEU B 249 -23.75 10.39 21.93
CA LEU B 249 -22.93 9.87 20.83
C LEU B 249 -22.25 10.99 20.05
N PHE B 250 -22.95 12.10 19.84
CA PHE B 250 -22.34 13.25 19.17
C PHE B 250 -21.19 13.81 20.01
N ASP B 251 -21.31 13.75 21.34
CA ASP B 251 -20.30 14.32 22.22
C ASP B 251 -18.93 13.69 21.96
N SER B 252 -18.86 12.37 21.97
CA SER B 252 -17.58 11.70 21.74
C SER B 252 -17.14 11.81 20.29
N ILE B 253 -18.09 11.75 19.36
CA ILE B 253 -17.75 11.72 17.95
C ILE B 253 -17.18 13.05 17.48
N CYS B 254 -17.80 14.16 17.90
CA CYS B 254 -17.38 15.47 17.43
C CYS B 254 -15.94 15.77 17.81
N ASN B 255 -15.54 15.42 19.04
CA ASN B 255 -14.18 15.66 19.51
C ASN B 255 -13.36 14.39 19.56
N ASN B 256 -13.68 13.42 18.69
CA ASN B 256 -12.89 12.21 18.61
C ASN B 256 -11.49 12.51 18.08
N LYS B 257 -10.52 11.72 18.52
CA LYS B 257 -9.14 11.93 18.12
C LYS B 257 -8.89 11.68 16.64
N TRP B 258 -9.83 11.04 15.95
CA TRP B 258 -9.68 10.77 14.53
C TRP B 258 -10.43 11.75 13.64
N PHE B 259 -11.44 12.45 14.18
CA PHE B 259 -12.29 13.34 13.40
C PHE B 259 -12.09 14.80 13.79
N THR B 260 -10.85 15.19 14.04
CA THR B 260 -10.56 16.60 14.32
C THR B 260 -10.59 17.45 13.06
N ASP B 261 -10.18 16.89 11.93
CA ASP B 261 -10.17 17.63 10.66
C ASP B 261 -11.38 17.32 9.78
N THR B 262 -11.91 16.11 9.84
CA THR B 262 -13.05 15.74 9.00
C THR B 262 -14.29 16.53 9.42
N SER B 263 -15.00 17.07 8.45
CA SER B 263 -16.21 17.82 8.74
C SER B 263 -17.31 16.89 9.22
N ILE B 264 -18.39 17.49 9.72
CA ILE B 264 -19.57 16.75 10.16
C ILE B 264 -20.80 17.43 9.58
N ILE B 265 -21.55 16.72 8.77
CA ILE B 265 -22.76 17.25 8.13
C ILE B 265 -23.93 16.79 9.00
N LEU B 266 -24.27 17.59 10.01
CA LEU B 266 -25.37 17.25 10.89
C LEU B 266 -26.70 17.39 10.15
N PHE B 267 -27.52 16.36 10.21
CA PHE B 267 -28.83 16.34 9.57
C PHE B 267 -29.90 16.22 10.64
N LEU B 268 -30.91 17.09 10.58
CA LEU B 268 -32.04 17.06 11.50
C LEU B 268 -33.29 16.79 10.67
N ASN B 269 -33.67 15.51 10.58
CA ASN B 269 -34.80 15.10 9.78
C ASN B 269 -36.03 14.93 10.68
N LYS B 270 -37.11 14.41 10.10
CA LYS B 270 -38.37 14.20 10.81
C LYS B 270 -38.90 15.50 11.42
N LYS B 271 -38.70 16.61 10.71
CA LYS B 271 -39.21 17.89 11.15
C LYS B 271 -40.70 18.04 10.91
N ASP B 272 -41.28 17.23 10.02
CA ASP B 272 -42.72 17.27 9.79
C ASP B 272 -43.47 16.85 11.05
N LEU B 273 -43.09 15.70 11.63
CA LEU B 273 -43.70 15.26 12.88
C LEU B 273 -43.32 16.17 14.05
N PHE B 274 -42.19 16.87 13.95
CA PHE B 274 -41.81 17.80 15.02
C PHE B 274 -42.76 18.99 15.09
N GLU B 275 -43.44 19.31 13.99
CA GLU B 275 -44.42 20.40 14.00
C GLU B 275 -45.58 20.07 14.95
N GLU B 276 -46.14 18.87 14.80
CA GLU B 276 -47.28 18.47 15.63
C GLU B 276 -46.85 18.10 17.05
N LYS B 277 -45.71 17.42 17.19
CA LYS B 277 -45.29 16.94 18.50
C LYS B 277 -44.98 18.08 19.46
N ILE B 278 -44.35 19.15 18.96
CA ILE B 278 -44.02 20.27 19.83
C ILE B 278 -45.28 20.97 20.34
N LYS B 279 -46.37 20.90 19.57
CA LYS B 279 -47.62 21.49 20.03
C LYS B 279 -48.18 20.75 21.25
N LYS B 280 -48.10 19.42 21.24
CA LYS B 280 -48.63 18.64 22.35
C LYS B 280 -47.77 18.78 23.60
N SER B 281 -46.44 18.69 23.45
CA SER B 281 -45.53 18.78 24.57
C SER B 281 -44.44 19.80 24.28
N PRO B 282 -44.11 20.65 25.25
CA PRO B 282 -43.05 21.64 25.02
C PRO B 282 -41.67 20.98 24.99
N LEU B 283 -40.68 21.79 24.62
CA LEU B 283 -39.30 21.32 24.56
C LEU B 283 -38.69 21.09 25.94
N THR B 284 -39.37 21.47 27.01
CA THR B 284 -38.86 21.27 28.36
C THR B 284 -38.77 19.81 28.76
N ILE B 285 -39.37 18.90 27.98
CA ILE B 285 -39.30 17.48 28.30
C ILE B 285 -37.86 16.99 28.26
N CYS B 286 -37.11 17.39 27.22
CA CYS B 286 -35.71 17.01 27.12
C CYS B 286 -34.80 17.95 27.87
N TYR B 287 -34.96 19.26 27.66
CA TYR B 287 -34.15 20.27 28.35
C TYR B 287 -35.04 21.14 29.21
N PRO B 288 -35.12 20.88 30.52
CA PRO B 288 -35.89 21.78 31.39
C PRO B 288 -35.33 23.19 31.46
N GLU B 289 -34.06 23.39 31.12
CA GLU B 289 -33.46 24.71 31.12
C GLU B 289 -33.97 25.60 29.98
N TYR B 290 -34.71 25.02 29.03
CA TYR B 290 -35.22 25.81 27.90
C TYR B 290 -36.21 26.85 28.39
N ALA B 291 -36.10 28.07 27.84
CA ALA B 291 -36.96 29.19 28.17
C ALA B 291 -37.49 29.78 26.87
N GLY B 292 -38.62 29.26 26.40
CA GLY B 292 -39.20 29.72 25.16
C GLY B 292 -40.56 29.09 24.95
N SER B 293 -41.23 29.56 23.90
CA SER B 293 -42.56 29.08 23.56
C SER B 293 -42.44 27.79 22.75
N ASN B 294 -43.58 27.29 22.25
CA ASN B 294 -43.62 26.07 21.47
C ASN B 294 -43.52 26.33 19.97
N THR B 295 -43.30 27.57 19.55
CA THR B 295 -43.19 27.88 18.13
C THR B 295 -41.98 27.20 17.52
N TYR B 296 -42.11 26.81 16.25
CA TYR B 296 -41.07 26.04 15.59
C TYR B 296 -39.81 26.85 15.35
N GLU B 297 -39.94 28.16 15.14
CA GLU B 297 -38.79 28.98 14.76
C GLU B 297 -37.72 28.99 15.84
N GLU B 298 -38.12 29.12 17.11
CA GLU B 298 -37.13 29.20 18.19
C GLU B 298 -36.87 27.85 18.84
N ALA B 299 -37.85 26.94 18.82
CA ALA B 299 -37.63 25.61 19.39
C ALA B 299 -36.57 24.84 18.61
N ALA B 300 -36.66 24.88 17.27
CA ALA B 300 -35.68 24.19 16.45
C ALA B 300 -34.30 24.83 16.58
N ALA B 301 -34.24 26.16 16.70
CA ALA B 301 -32.96 26.85 16.82
C ALA B 301 -32.24 26.44 18.09
N TYR B 302 -32.96 26.22 19.18
CA TYR B 302 -32.33 25.76 20.42
C TYR B 302 -31.69 24.40 20.23
N ILE B 303 -32.35 23.49 19.51
CA ILE B 303 -31.79 22.17 19.26
C ILE B 303 -30.51 22.29 18.44
N GLN B 304 -30.52 23.15 17.41
CA GLN B 304 -29.30 23.41 16.66
C GLN B 304 -28.20 23.95 17.57
N CYS B 305 -28.54 24.94 18.40
CA CYS B 305 -27.54 25.54 19.28
C CYS B 305 -27.01 24.54 20.29
N GLN B 306 -27.83 23.56 20.68
CA GLN B 306 -27.35 22.52 21.58
C GLN B 306 -26.23 21.71 20.95
N PHE B 307 -26.36 21.36 19.67
CA PHE B 307 -25.34 20.58 19.00
C PHE B 307 -24.10 21.39 18.68
N GLU B 308 -24.22 22.71 18.51
CA GLU B 308 -23.06 23.56 18.34
C GLU B 308 -22.16 23.55 19.57
N ASP B 309 -22.74 23.30 20.75
CA ASP B 309 -21.99 23.40 21.99
C ASP B 309 -20.91 22.32 22.06
N LEU B 310 -21.26 21.08 21.77
CA LEU B 310 -20.33 19.97 21.97
C LEU B 310 -19.16 19.99 20.99
N ASN B 311 -19.23 20.78 19.92
CA ASN B 311 -18.11 20.92 19.00
C ASN B 311 -16.99 21.69 19.69
N LYS B 312 -15.95 20.99 20.12
CA LYS B 312 -14.84 21.61 20.82
C LYS B 312 -13.77 22.14 19.88
N ARG B 313 -13.51 21.43 18.78
CA ARG B 313 -12.53 21.86 17.79
C ARG B 313 -13.17 22.85 16.82
N LYS B 314 -13.31 24.09 17.28
CA LYS B 314 -13.93 25.15 16.50
C LYS B 314 -12.93 25.91 15.64
N ASP B 315 -11.82 25.28 15.30
CA ASP B 315 -10.79 25.91 14.48
C ASP B 315 -10.54 25.20 13.17
N THR B 316 -10.70 23.86 13.12
CA THR B 316 -10.47 23.10 11.90
C THR B 316 -11.66 22.23 11.54
N LYS B 317 -12.84 22.52 12.09
CA LYS B 317 -14.04 21.74 11.77
C LYS B 317 -15.27 22.57 12.13
N GLU B 318 -16.11 22.85 11.13
CA GLU B 318 -17.39 23.50 11.35
C GLU B 318 -18.49 22.51 10.98
N ILE B 319 -19.37 22.23 11.93
CA ILE B 319 -20.39 21.19 11.74
C ILE B 319 -21.59 21.85 11.07
N TYR B 320 -21.88 21.43 9.84
CA TYR B 320 -22.98 22.01 9.09
C TYR B 320 -24.32 21.42 9.55
N THR B 321 -25.36 22.25 9.52
CA THR B 321 -26.68 21.86 9.97
C THR B 321 -27.70 22.07 8.86
N HIS B 322 -28.74 21.24 8.86
CA HIS B 322 -29.76 21.31 7.83
C HIS B 322 -31.04 20.68 8.34
N PHE B 323 -32.17 21.24 7.94
CA PHE B 323 -33.49 20.70 8.25
C PHE B 323 -34.09 20.11 6.99
N THR B 324 -34.53 18.85 7.06
CA THR B 324 -35.10 18.17 5.92
C THR B 324 -36.38 17.46 6.30
N CYS B 325 -37.37 17.52 5.40
CA CYS B 325 -38.58 16.73 5.52
C CYS B 325 -38.40 15.42 4.73
N SER B 326 -39.48 14.70 4.51
CA SER B 326 -39.43 13.43 3.80
C SER B 326 -39.60 13.57 2.29
N THR B 327 -39.67 14.79 1.77
CA THR B 327 -39.90 15.00 0.34
C THR B 327 -38.93 15.95 -0.34
N ASP B 328 -38.19 16.78 0.40
CA ASP B 328 -37.28 17.73 -0.24
C ASP B 328 -36.11 17.01 -0.89
N THR B 329 -35.72 17.46 -2.08
CA THR B 329 -34.63 16.89 -2.83
C THR B 329 -33.34 17.68 -2.70
N LYS B 330 -33.29 18.65 -1.80
CA LYS B 330 -32.12 19.49 -1.62
C LYS B 330 -31.09 18.90 -0.66
N ASN B 331 -31.37 17.71 -0.10
CA ASN B 331 -30.42 17.10 0.82
C ASN B 331 -29.11 16.75 0.12
N VAL B 332 -29.20 16.25 -1.11
CA VAL B 332 -28.01 15.95 -1.87
C VAL B 332 -27.21 17.21 -2.14
N GLN B 333 -27.89 18.32 -2.47
CA GLN B 333 -27.20 19.57 -2.75
C GLN B 333 -26.46 20.08 -1.52
N PHE B 334 -27.09 19.99 -0.35
CA PHE B 334 -26.43 20.46 0.87
C PHE B 334 -25.19 19.66 1.19
N VAL B 335 -25.25 18.34 0.99
CA VAL B 335 -24.07 17.49 1.21
C VAL B 335 -22.97 17.88 0.24
N PHE B 336 -23.31 18.11 -1.03
CA PHE B 336 -22.31 18.50 -2.01
C PHE B 336 -21.69 19.85 -1.67
N ASP B 337 -22.50 20.80 -1.20
CA ASP B 337 -21.97 22.10 -0.82
C ASP B 337 -21.00 21.99 0.35
N ALA B 338 -21.33 21.15 1.33
CA ALA B 338 -20.42 20.95 2.45
C ALA B 338 -19.22 20.10 2.07
N VAL B 339 -19.39 19.19 1.11
CA VAL B 339 -18.26 18.39 0.63
C VAL B 339 -17.27 19.27 -0.13
N THR B 340 -17.78 20.21 -0.93
CA THR B 340 -16.91 21.10 -1.69
C THR B 340 -16.02 21.92 -0.77
N ASP B 341 -16.58 22.42 0.33
CA ASP B 341 -15.79 23.20 1.27
C ASP B 341 -14.71 22.37 1.95
N VAL B 342 -14.85 21.03 1.93
CA VAL B 342 -13.77 20.17 2.42
C VAL B 342 -12.77 19.92 1.31
N ILE B 343 -13.23 19.85 0.06
CA ILE B 343 -12.33 19.67 -1.08
C ILE B 343 -11.39 20.86 -1.20
N ILE B 344 -11.92 22.08 -1.03
CA ILE B 344 -11.10 23.28 -1.11
C ILE B 344 -10.01 23.25 -0.04
N LYS B 345 -10.38 22.88 1.18
CA LYS B 345 -9.39 22.80 2.25
C LYS B 345 -8.33 21.74 1.95
N ASN B 346 -8.74 20.59 1.42
CA ASN B 346 -7.79 19.56 1.04
C ASN B 346 -6.91 20.03 -0.11
N ASN B 347 -7.49 20.73 -1.08
CA ASN B 347 -6.70 21.23 -2.21
C ASN B 347 -5.67 22.25 -1.75
N LEU B 348 -6.05 23.11 -0.81
CA LEU B 348 -5.12 24.13 -0.32
C LEU B 348 -3.94 23.48 0.41
N LYS B 349 -4.20 22.40 1.14
CA LYS B 349 -3.12 21.72 1.85
C LYS B 349 -2.08 21.17 0.89
N ASP B 350 -2.52 20.63 -0.24
CA ASP B 350 -1.58 20.10 -1.23
C ASP B 350 -0.70 21.19 -1.81
N CYS B 351 -1.29 22.37 -2.08
CA CYS B 351 -0.52 23.45 -2.69
C CYS B 351 0.57 23.96 -1.78
N GLY B 352 0.30 24.06 -0.48
CA GLY B 352 1.28 24.54 0.48
C GLY B 352 0.67 25.51 1.47
N LEU B 353 -0.39 26.18 1.06
CA LEU B 353 -1.11 27.10 1.94
C LEU B 353 -1.92 26.31 2.97
N PHE B 354 -2.54 27.05 3.88
CA PHE B 354 -3.39 26.46 4.92
C PHE B 354 -2.64 25.42 5.74
N LEU C 14 -30.00 -16.21 42.43
CA LEU C 14 -28.94 -15.61 41.59
C LEU C 14 -27.74 -15.25 42.46
N ASP C 15 -27.99 -14.69 43.64
CA ASP C 15 -26.89 -14.30 44.56
C ASP C 15 -26.06 -15.54 44.91
N GLN C 16 -26.73 -16.68 45.11
CA GLN C 16 -26.00 -17.94 45.42
C GLN C 16 -24.95 -18.18 44.33
N LEU C 17 -25.36 -18.10 43.06
CA LEU C 17 -24.42 -18.29 41.93
C LEU C 17 -23.36 -17.19 41.99
N ARG C 18 -23.78 -15.94 42.22
CA ARG C 18 -22.82 -14.80 42.26
C ARG C 18 -21.75 -15.08 43.32
N GLN C 19 -22.16 -15.53 44.50
CA GLN C 19 -21.20 -15.81 45.60
C GLN C 19 -20.32 -17.00 45.19
N GLU C 20 -20.92 -18.06 44.66
CA GLU C 20 -20.14 -19.22 44.18
C GLU C 20 -19.11 -18.71 43.17
N ALA C 21 -19.54 -17.84 42.25
CA ALA C 21 -18.61 -17.24 41.28
C ALA C 21 -17.50 -16.52 42.05
N GLU C 22 -17.86 -15.49 42.83
CA GLU C 22 -16.84 -14.72 43.53
C GLU C 22 -15.91 -15.64 44.32
N GLN C 23 -16.47 -16.67 44.97
CA GLN C 23 -15.64 -17.60 45.73
C GLN C 23 -14.70 -18.36 44.80
N LEU C 24 -15.21 -18.81 43.65
CA LEU C 24 -14.36 -19.52 42.70
C LEU C 24 -13.27 -18.61 42.14
N LYS C 25 -13.60 -17.35 41.85
CA LYS C 25 -12.61 -16.41 41.34
C LYS C 25 -11.51 -16.18 42.36
N ASN C 26 -11.87 -16.07 43.64
CA ASN C 26 -10.87 -15.93 44.69
C ASN C 26 -10.03 -17.20 44.84
N GLN C 27 -10.64 -18.37 44.61
CA GLN C 27 -9.92 -19.63 44.76
C GLN C 27 -8.80 -19.75 43.73
N ILE C 28 -9.07 -19.38 42.48
CA ILE C 28 -8.04 -19.47 41.44
C ILE C 28 -6.96 -18.42 41.68
N ARG C 29 -7.32 -17.27 42.24
CA ARG C 29 -6.31 -16.25 42.56
C ARG C 29 -5.32 -16.76 43.59
N ASP C 30 -5.81 -17.45 44.62
CA ASP C 30 -4.91 -18.04 45.61
C ASP C 30 -4.05 -19.13 44.99
N ALA C 31 -4.63 -19.94 44.09
CA ALA C 31 -3.86 -20.98 43.43
C ALA C 31 -2.75 -20.37 42.58
N ARG C 32 -3.05 -19.30 41.85
CA ARG C 32 -2.02 -18.61 41.07
C ARG C 32 -0.97 -17.99 41.98
N LYS C 33 -1.40 -17.43 43.12
CA LYS C 33 -0.45 -16.84 44.05
C LYS C 33 0.46 -17.89 44.66
N ALA C 34 -0.08 -19.07 44.97
CA ALA C 34 0.72 -20.12 45.59
C ALA C 34 1.82 -20.61 44.65
N CYS C 35 1.49 -20.77 43.37
CA CYS C 35 2.45 -21.28 42.40
C CYS C 35 3.53 -20.28 42.02
N ALA C 36 3.34 -18.99 42.34
CA ALA C 36 4.31 -17.95 41.98
C ALA C 36 5.42 -17.93 43.04
N ASP C 37 6.39 -18.82 42.87
CA ASP C 37 7.52 -18.87 43.79
C ASP C 37 8.40 -17.63 43.62
N ALA C 38 8.71 -17.28 42.37
CA ALA C 38 9.52 -16.10 42.08
C ALA C 38 9.16 -15.59 40.70
N THR C 39 9.29 -14.27 40.52
CA THR C 39 8.94 -13.66 39.25
C THR C 39 9.95 -14.04 38.17
N LEU C 40 9.52 -13.89 36.91
CA LEU C 40 10.39 -14.23 35.78
C LEU C 40 11.61 -13.33 35.72
N SER C 41 11.47 -12.06 36.11
CA SER C 41 12.60 -11.15 36.09
C SER C 41 13.66 -11.54 37.11
N GLN C 42 13.26 -12.05 38.27
CA GLN C 42 14.22 -12.39 39.31
C GLN C 42 15.14 -13.54 38.88
N ILE C 43 14.55 -14.59 38.32
CA ILE C 43 15.35 -15.76 37.95
C ILE C 43 16.25 -15.45 36.76
N THR C 44 15.73 -14.76 35.76
CA THR C 44 16.51 -14.40 34.57
C THR C 44 17.16 -13.03 34.79
N ASN C 45 18.10 -13.01 35.74
CA ASN C 45 18.85 -11.81 36.06
C ASN C 45 20.34 -11.91 35.76
N ASN C 46 20.91 -13.12 35.82
CA ASN C 46 22.33 -13.31 35.56
C ASN C 46 22.64 -13.58 34.09
N ILE C 47 21.61 -13.73 33.24
CA ILE C 47 21.86 -14.00 31.84
C ILE C 47 22.37 -12.75 31.14
N ASP C 48 23.16 -12.94 30.10
CA ASP C 48 23.73 -11.83 29.36
C ASP C 48 22.64 -11.19 28.50
N PRO C 49 22.42 -9.87 28.63
CA PRO C 49 21.42 -9.21 27.78
C PRO C 49 21.90 -9.16 26.33
N VAL C 50 20.94 -9.05 25.42
CA VAL C 50 21.26 -9.02 24.00
C VAL C 50 22.04 -7.75 23.63
N GLY C 51 21.99 -6.71 24.46
CA GLY C 51 22.75 -5.52 24.22
C GLY C 51 21.98 -4.45 23.48
N ARG C 52 22.27 -4.27 22.19
CA ARG C 52 21.60 -3.28 21.36
C ARG C 52 21.32 -3.91 20.01
N ILE C 53 20.04 -4.14 19.72
CA ILE C 53 19.63 -4.73 18.45
C ILE C 53 19.26 -3.60 17.50
N GLN C 54 20.11 -3.36 16.52
CA GLN C 54 19.86 -2.35 15.49
C GLN C 54 19.51 -3.04 14.18
N MET C 55 18.42 -2.59 13.56
CA MET C 55 17.93 -3.20 12.33
C MET C 55 17.80 -2.13 11.26
N ARG C 56 18.05 -2.53 10.01
CA ARG C 56 17.99 -1.63 8.88
C ARG C 56 16.95 -2.10 7.89
N THR C 57 16.34 -1.15 7.19
CA THR C 57 15.32 -1.46 6.20
C THR C 57 15.95 -2.10 4.97
N ARG C 58 15.98 -3.42 4.92
CA ARG C 58 16.58 -4.10 3.77
C ARG C 58 15.75 -3.90 2.51
N ARG C 59 14.43 -4.02 2.62
CA ARG C 59 13.54 -3.81 1.49
C ARG C 59 12.37 -2.94 1.94
N THR C 60 11.77 -2.24 0.98
CA THR C 60 10.61 -1.39 1.23
C THR C 60 9.54 -1.76 0.20
N LEU C 61 8.71 -2.72 0.54
CA LEU C 61 7.63 -3.15 -0.36
C LEU C 61 6.62 -2.02 -0.46
N ARG C 62 6.63 -1.31 -1.59
CA ARG C 62 5.83 -0.12 -1.79
C ARG C 62 4.86 -0.34 -2.95
N GLY C 63 3.69 0.28 -2.86
CA GLY C 63 2.67 0.13 -3.87
C GLY C 63 1.26 0.17 -3.31
N HIS C 64 1.14 0.10 -1.99
CA HIS C 64 -0.15 0.31 -1.36
C HIS C 64 -0.52 1.79 -1.40
N LEU C 65 -1.82 2.06 -1.35
CA LEU C 65 -2.33 3.42 -1.45
C LEU C 65 -3.19 3.83 -0.24
N ALA C 66 -3.13 3.07 0.85
CA ALA C 66 -3.92 3.38 2.04
C ALA C 66 -3.25 2.69 3.22
N LYS C 67 -3.89 2.78 4.40
CA LYS C 67 -3.31 2.19 5.59
C LYS C 67 -3.27 0.66 5.46
N ILE C 68 -2.44 0.05 6.31
CA ILE C 68 -2.25 -1.39 6.34
C ILE C 68 -2.61 -1.88 7.73
N TYR C 69 -3.45 -2.90 7.82
CA TYR C 69 -3.84 -3.47 9.10
C TYR C 69 -3.43 -4.92 9.30
N ALA C 70 -2.85 -5.57 8.29
CA ALA C 70 -2.48 -6.97 8.48
C ALA C 70 -1.40 -7.38 7.49
N MET C 71 -0.59 -8.33 7.90
CA MET C 71 0.33 -9.01 6.99
C MET C 71 0.65 -10.37 7.58
N HIS C 72 0.97 -11.32 6.71
CA HIS C 72 1.31 -12.67 7.16
C HIS C 72 2.35 -13.26 6.21
N TRP C 73 3.46 -13.72 6.79
CA TRP C 73 4.48 -14.39 6.00
C TRP C 73 4.04 -15.79 5.62
N GLY C 74 4.40 -16.21 4.40
CA GLY C 74 4.16 -17.57 4.00
C GLY C 74 5.07 -18.54 4.71
N THR C 75 4.74 -19.83 4.59
CA THR C 75 5.56 -20.85 5.24
C THR C 75 6.97 -20.92 4.66
N ASP C 76 7.15 -20.47 3.41
CA ASP C 76 8.47 -20.45 2.80
C ASP C 76 9.32 -19.28 3.28
N SER C 77 8.74 -18.36 4.06
CA SER C 77 9.43 -17.19 4.58
C SER C 77 9.88 -16.24 3.47
N ARG C 78 9.27 -16.34 2.29
CA ARG C 78 9.60 -15.49 1.17
C ARG C 78 8.42 -14.70 0.63
N LEU C 79 7.20 -15.22 0.77
CA LEU C 79 6.00 -14.55 0.30
C LEU C 79 5.21 -14.04 1.49
N LEU C 80 4.80 -12.78 1.45
CA LEU C 80 3.94 -12.20 2.47
C LEU C 80 2.77 -11.52 1.80
N VAL C 81 1.60 -11.59 2.44
CA VAL C 81 0.37 -10.99 1.93
C VAL C 81 0.01 -9.83 2.84
N SER C 82 -0.26 -8.67 2.25
CA SER C 82 -0.61 -7.47 3.00
C SER C 82 -1.98 -6.98 2.58
N ALA C 83 -2.77 -6.54 3.57
CA ALA C 83 -4.13 -6.06 3.35
C ALA C 83 -4.19 -4.57 3.63
N SER C 84 -4.96 -3.84 2.81
CA SER C 84 -4.99 -2.40 2.92
C SER C 84 -6.39 -1.89 2.60
N GLN C 85 -6.66 -0.66 3.03
CA GLN C 85 -7.96 -0.03 2.79
C GLN C 85 -8.20 0.30 1.33
N ASP C 86 -7.17 0.22 0.49
CA ASP C 86 -7.37 0.45 -0.93
C ASP C 86 -8.29 -0.60 -1.55
N GLY C 87 -8.47 -1.74 -0.87
CA GLY C 87 -9.23 -2.85 -1.41
C GLY C 87 -8.39 -3.90 -2.09
N LYS C 88 -7.06 -3.79 -2.02
CA LYS C 88 -6.15 -4.71 -2.68
C LYS C 88 -5.44 -5.55 -1.63
N LEU C 89 -5.25 -6.82 -1.95
CA LEU C 89 -4.59 -7.79 -1.07
C LEU C 89 -3.37 -8.32 -1.85
N ILE C 90 -2.26 -7.61 -1.75
CA ILE C 90 -1.09 -7.90 -2.56
C ILE C 90 -0.27 -9.00 -1.88
N ILE C 91 0.16 -9.98 -2.67
CA ILE C 91 1.07 -11.01 -2.22
C ILE C 91 2.47 -10.63 -2.71
N TRP C 92 3.28 -10.11 -1.80
CA TRP C 92 4.60 -9.63 -2.17
C TRP C 92 5.58 -10.80 -2.32
N ASP C 93 6.74 -10.48 -2.88
CA ASP C 93 7.90 -11.37 -2.91
C ASP C 93 9.02 -10.63 -2.20
N SER C 94 9.21 -10.91 -0.92
CA SER C 94 10.10 -10.11 -0.09
C SER C 94 11.56 -10.15 -0.57
N TYR C 95 11.94 -11.18 -1.33
CA TYR C 95 13.32 -11.25 -1.79
C TYR C 95 13.60 -10.25 -2.91
N THR C 96 12.64 -10.03 -3.80
CA THR C 96 12.86 -9.16 -4.95
C THR C 96 11.81 -8.06 -5.08
N THR C 97 10.96 -7.87 -4.06
CA THR C 97 9.96 -6.80 -4.06
C THR C 97 9.03 -6.90 -5.28
N ASN C 98 8.65 -8.12 -5.63
CA ASN C 98 7.77 -8.37 -6.76
C ASN C 98 6.36 -8.65 -6.26
N LYS C 99 5.37 -8.00 -6.86
CA LYS C 99 3.98 -8.22 -6.53
C LYS C 99 3.48 -9.42 -7.32
N VAL C 100 3.46 -10.59 -6.67
CA VAL C 100 3.06 -11.82 -7.34
C VAL C 100 1.61 -11.74 -7.77
N HIS C 101 0.74 -11.27 -6.87
CA HIS C 101 -0.68 -11.12 -7.16
C HIS C 101 -1.18 -9.82 -6.55
N ALA C 102 -2.30 -9.33 -7.08
CA ALA C 102 -2.99 -8.15 -6.55
C ALA C 102 -4.49 -8.46 -6.59
N ILE C 103 -5.02 -8.96 -5.49
CA ILE C 103 -6.40 -9.41 -5.41
C ILE C 103 -7.27 -8.22 -5.02
N PRO C 104 -8.28 -7.85 -5.81
CA PRO C 104 -9.17 -6.75 -5.42
C PRO C 104 -10.27 -7.27 -4.51
N LEU C 105 -10.25 -6.81 -3.25
CA LEU C 105 -11.21 -7.26 -2.27
C LEU C 105 -12.61 -6.74 -2.58
N ARG C 106 -13.61 -7.50 -2.15
CA ARG C 106 -15.00 -7.06 -2.31
C ARG C 106 -15.29 -5.84 -1.45
N SER C 107 -14.81 -5.83 -0.21
CA SER C 107 -15.01 -4.72 0.72
C SER C 107 -13.66 -4.13 1.09
N SER C 108 -13.53 -2.82 0.93
CA SER C 108 -12.26 -2.15 1.19
C SER C 108 -11.90 -2.13 2.68
N TRP C 109 -12.87 -2.38 3.56
CA TRP C 109 -12.63 -2.35 5.01
C TRP C 109 -12.16 -3.73 5.43
N VAL C 110 -10.84 -3.93 5.40
CA VAL C 110 -10.22 -5.19 5.76
C VAL C 110 -9.29 -4.94 6.94
N MET C 111 -9.46 -5.73 8.00
CA MET C 111 -8.67 -5.58 9.20
C MET C 111 -7.82 -6.81 9.51
N THR C 112 -7.86 -7.84 8.67
CA THR C 112 -7.08 -9.05 8.93
C THR C 112 -6.73 -9.70 7.60
N CYS C 113 -5.66 -10.49 7.63
CA CYS C 113 -5.25 -11.27 6.47
C CYS C 113 -4.42 -12.45 6.96
N ALA C 114 -4.33 -13.48 6.12
CA ALA C 114 -3.63 -14.70 6.50
C ALA C 114 -3.07 -15.37 5.27
N TYR C 115 -2.05 -16.19 5.49
CA TYR C 115 -1.46 -17.04 4.46
C TYR C 115 -1.57 -18.48 4.92
N ALA C 116 -2.16 -19.34 4.08
CA ALA C 116 -2.34 -20.73 4.46
C ALA C 116 -0.98 -21.41 4.61
N PRO C 117 -0.84 -22.35 5.54
CA PRO C 117 0.45 -23.03 5.70
C PRO C 117 0.91 -23.75 4.45
N SER C 118 -0.01 -24.27 3.65
CA SER C 118 0.34 -24.91 2.39
C SER C 118 0.68 -23.91 1.29
N GLY C 119 0.36 -22.63 1.48
CA GLY C 119 0.66 -21.62 0.49
C GLY C 119 -0.33 -21.50 -0.65
N ASN C 120 -1.45 -22.23 -0.59
CA ASN C 120 -2.42 -22.21 -1.67
C ASN C 120 -3.52 -21.17 -1.46
N TYR C 121 -3.80 -20.78 -0.23
CA TYR C 121 -4.93 -19.92 0.07
C TYR C 121 -4.49 -18.71 0.88
N VAL C 122 -5.21 -17.60 0.70
CA VAL C 122 -5.10 -16.41 1.52
C VAL C 122 -6.49 -15.95 1.89
N ALA C 123 -6.67 -15.53 3.14
CA ALA C 123 -7.96 -15.11 3.66
C ALA C 123 -7.91 -13.65 4.07
N CYS C 124 -9.02 -12.95 3.88
CA CYS C 124 -9.15 -11.56 4.31
C CYS C 124 -10.49 -11.37 4.99
N GLY C 125 -10.55 -10.37 5.86
CA GLY C 125 -11.78 -10.07 6.57
C GLY C 125 -11.70 -8.70 7.22
N GLY C 126 -12.86 -8.19 7.62
CA GLY C 126 -12.92 -6.88 8.22
C GLY C 126 -14.31 -6.46 8.65
N LEU C 127 -14.68 -5.22 8.35
CA LEU C 127 -15.96 -4.67 8.76
C LEU C 127 -17.13 -5.33 8.05
N ASP C 128 -16.89 -6.10 7.00
CA ASP C 128 -17.96 -6.79 6.29
C ASP C 128 -18.44 -8.05 7.00
N ASN C 129 -17.76 -8.47 8.08
CA ASN C 129 -18.11 -9.64 8.87
C ASN C 129 -18.05 -10.93 8.06
N ILE C 130 -17.34 -10.93 6.94
CA ILE C 130 -17.23 -12.08 6.06
C ILE C 130 -15.75 -12.38 5.84
N CYS C 131 -15.37 -13.64 6.06
CA CYS C 131 -14.01 -14.11 5.82
C CYS C 131 -13.98 -14.72 4.42
N SER C 132 -13.19 -14.13 3.54
CA SER C 132 -13.12 -14.55 2.14
C SER C 132 -11.84 -15.35 1.91
N ILE C 133 -12.00 -16.55 1.37
CA ILE C 133 -10.86 -17.42 1.06
C ILE C 133 -10.57 -17.30 -0.43
N TYR C 134 -9.29 -17.09 -0.75
CA TYR C 134 -8.85 -16.92 -2.13
C TYR C 134 -7.95 -18.08 -2.54
N ASN C 135 -8.17 -18.60 -3.75
CA ASN C 135 -7.42 -19.74 -4.27
C ASN C 135 -6.30 -19.21 -5.14
N LEU C 136 -5.07 -19.22 -4.61
CA LEU C 136 -3.93 -18.69 -5.36
C LEU C 136 -3.58 -19.58 -6.54
N LYS C 137 -3.45 -20.89 -6.31
CA LYS C 137 -3.03 -21.83 -7.33
C LYS C 137 -4.27 -22.36 -8.04
N THR C 138 -4.55 -21.84 -9.23
CA THR C 138 -5.71 -22.24 -10.01
C THR C 138 -5.31 -22.38 -11.47
N ARG C 139 -6.09 -23.18 -12.20
CA ARG C 139 -5.81 -23.40 -13.61
C ARG C 139 -6.03 -22.13 -14.43
N GLU C 140 -7.04 -21.34 -14.07
CA GLU C 140 -7.36 -20.15 -14.86
C GLU C 140 -6.28 -19.08 -14.77
N GLY C 141 -5.39 -19.15 -13.78
CA GLY C 141 -4.31 -18.21 -13.65
C GLY C 141 -4.65 -16.90 -12.96
N ASN C 142 -5.88 -16.73 -12.49
CA ASN C 142 -6.27 -15.55 -11.74
C ASN C 142 -6.89 -15.96 -10.43
N VAL C 143 -6.56 -15.23 -9.37
CA VAL C 143 -7.02 -15.58 -8.02
C VAL C 143 -8.53 -15.41 -7.94
N ARG C 144 -9.21 -16.43 -7.43
CA ARG C 144 -10.66 -16.42 -7.30
C ARG C 144 -11.05 -16.62 -5.84
N VAL C 145 -12.21 -16.08 -5.48
CA VAL C 145 -12.75 -16.22 -4.13
C VAL C 145 -13.26 -17.66 -4.00
N SER C 146 -12.50 -18.50 -3.28
CA SER C 146 -12.89 -19.90 -3.14
C SER C 146 -14.23 -20.02 -2.41
N ARG C 147 -14.40 -19.29 -1.31
CA ARG C 147 -15.65 -19.32 -0.57
C ARG C 147 -15.68 -18.15 0.40
N GLU C 148 -16.82 -17.46 0.46
CA GLU C 148 -17.04 -16.39 1.43
C GLU C 148 -17.70 -16.98 2.67
N LEU C 149 -17.03 -16.86 3.82
CA LEU C 149 -17.51 -17.45 5.06
C LEU C 149 -18.33 -16.40 5.80
N ALA C 150 -19.63 -16.65 5.92
CA ALA C 150 -20.54 -15.77 6.63
C ALA C 150 -21.13 -16.48 7.84
N GLY C 151 -21.53 -15.70 8.83
CA GLY C 151 -22.04 -16.25 10.07
C GLY C 151 -21.62 -15.46 11.29
N HIS C 152 -20.84 -14.40 11.07
CA HIS C 152 -20.43 -13.49 12.12
C HIS C 152 -21.26 -12.21 12.03
N THR C 153 -21.75 -11.75 13.17
CA THR C 153 -22.53 -10.52 13.26
C THR C 153 -21.70 -9.38 13.86
N GLY C 154 -20.42 -9.35 13.53
CA GLY C 154 -19.54 -8.30 13.97
C GLY C 154 -18.30 -8.26 13.12
N TYR C 155 -17.57 -7.15 13.21
CA TYR C 155 -16.35 -6.99 12.42
C TYR C 155 -15.35 -8.08 12.76
N LEU C 156 -14.74 -8.65 11.72
CA LEU C 156 -13.77 -9.73 11.89
C LEU C 156 -12.38 -9.13 12.01
N SER C 157 -11.65 -9.54 13.05
CA SER C 157 -10.39 -8.88 13.41
C SER C 157 -9.16 -9.73 13.17
N CYS C 158 -9.27 -11.06 13.19
CA CYS C 158 -8.11 -11.91 12.97
C CYS C 158 -8.56 -13.28 12.51
N CYS C 159 -8.01 -13.75 11.39
CA CYS C 159 -8.27 -15.08 10.86
C CYS C 159 -6.95 -15.78 10.63
N ARG C 160 -6.86 -17.03 11.07
CA ARG C 160 -5.65 -17.83 10.93
C ARG C 160 -6.00 -19.22 10.45
N PHE C 161 -5.20 -19.74 9.52
CA PHE C 161 -5.42 -21.06 8.95
C PHE C 161 -4.82 -22.13 9.85
N LEU C 162 -5.53 -23.25 9.98
CA LEU C 162 -4.97 -24.48 10.52
C LEU C 162 -4.45 -25.39 9.42
N ASP C 163 -5.34 -25.82 8.52
CA ASP C 163 -4.99 -26.59 7.35
C ASP C 163 -5.60 -25.91 6.13
N ASP C 164 -5.58 -26.58 4.98
CA ASP C 164 -6.21 -26.05 3.79
C ASP C 164 -7.72 -26.01 3.85
N ASN C 165 -8.34 -26.63 4.86
CA ASN C 165 -9.79 -26.67 4.98
C ASN C 165 -10.27 -26.33 6.39
N GLN C 166 -9.47 -25.63 7.17
CA GLN C 166 -9.88 -25.23 8.52
C GLN C 166 -9.26 -23.89 8.85
N ILE C 167 -10.10 -22.92 9.22
CA ILE C 167 -9.66 -21.57 9.52
C ILE C 167 -10.39 -21.08 10.76
N VAL C 168 -9.66 -20.44 11.67
CA VAL C 168 -10.21 -19.88 12.90
C VAL C 168 -10.30 -18.38 12.74
N THR C 169 -11.50 -17.83 12.94
CA THR C 169 -11.74 -16.40 12.81
C THR C 169 -12.22 -15.85 14.16
N SER C 170 -11.61 -14.75 14.59
CA SER C 170 -12.03 -14.03 15.78
C SER C 170 -12.60 -12.68 15.36
N SER C 171 -13.82 -12.40 15.78
CA SER C 171 -14.51 -11.20 15.31
C SER C 171 -15.01 -10.35 16.47
N GLY C 172 -15.79 -9.32 16.14
CA GLY C 172 -16.42 -8.46 17.13
C GLY C 172 -17.68 -9.02 17.72
N ASP C 173 -18.01 -10.28 17.44
CA ASP C 173 -19.16 -10.96 17.99
C ASP C 173 -18.93 -11.46 19.40
N THR C 174 -17.90 -10.97 20.09
CA THR C 174 -17.45 -11.48 21.38
C THR C 174 -17.13 -12.97 21.35
N THR C 175 -16.98 -13.54 20.15
CA THR C 175 -16.77 -14.96 19.98
C THR C 175 -15.73 -15.21 18.90
N CYS C 176 -15.08 -16.38 18.99
CA CYS C 176 -14.20 -16.89 17.94
C CYS C 176 -14.81 -18.16 17.39
N ALA C 177 -14.68 -18.37 16.08
CA ALA C 177 -15.31 -19.49 15.40
C ALA C 177 -14.28 -20.27 14.59
N LEU C 178 -14.51 -21.57 14.48
CA LEU C 178 -13.71 -22.46 13.65
C LEU C 178 -14.56 -22.92 12.47
N TRP C 179 -14.02 -22.78 11.28
CA TRP C 179 -14.77 -23.02 10.05
C TRP C 179 -14.22 -24.23 9.31
N ASP C 180 -15.11 -24.89 8.58
CA ASP C 180 -14.75 -25.92 7.60
C ASP C 180 -14.95 -25.29 6.22
N ILE C 181 -13.85 -25.03 5.52
CA ILE C 181 -13.92 -24.27 4.27
C ILE C 181 -14.70 -25.05 3.21
N GLU C 182 -14.61 -26.37 3.21
CA GLU C 182 -15.36 -27.15 2.23
C GLU C 182 -16.85 -26.98 2.41
N THR C 183 -17.35 -27.19 3.64
CA THR C 183 -18.78 -27.04 3.90
C THR C 183 -19.19 -25.58 3.99
N GLY C 184 -18.35 -24.75 4.62
CA GLY C 184 -18.67 -23.35 4.78
C GLY C 184 -19.41 -22.99 6.05
N GLN C 185 -19.45 -23.89 7.03
CA GLN C 185 -20.16 -23.68 8.28
C GLN C 185 -19.19 -23.72 9.45
N GLN C 186 -19.62 -23.15 10.57
CA GLN C 186 -18.81 -23.13 11.79
C GLN C 186 -19.01 -24.45 12.52
N THR C 187 -18.03 -25.34 12.37
CA THR C 187 -18.09 -26.62 13.08
C THR C 187 -18.02 -26.42 14.59
N THR C 188 -17.16 -25.51 15.05
CA THR C 188 -16.99 -25.23 16.46
C THR C 188 -17.00 -23.72 16.68
N THR C 189 -17.82 -23.27 17.61
CA THR C 189 -17.92 -21.86 17.98
C THR C 189 -17.45 -21.69 19.41
N PHE C 190 -16.52 -20.77 19.63
CA PHE C 190 -15.94 -20.52 20.95
C PHE C 190 -16.59 -19.28 21.54
N THR C 191 -17.15 -19.43 22.74
CA THR C 191 -17.83 -18.34 23.42
C THR C 191 -17.34 -18.25 24.86
N GLY C 192 -17.52 -17.07 25.45
CA GLY C 192 -17.06 -16.82 26.80
C GLY C 192 -16.49 -15.43 27.00
N HIS C 193 -16.01 -14.81 25.93
CA HIS C 193 -15.53 -13.44 26.01
C HIS C 193 -16.70 -12.47 26.17
N THR C 194 -16.45 -11.42 26.96
CA THR C 194 -17.47 -10.39 27.18
C THR C 194 -17.24 -9.14 26.34
N GLY C 195 -16.03 -8.95 25.81
CA GLY C 195 -15.72 -7.80 24.99
C GLY C 195 -15.27 -8.20 23.59
N ASP C 196 -15.05 -7.19 22.76
CA ASP C 196 -14.66 -7.41 21.37
C ASP C 196 -13.32 -8.15 21.32
N VAL C 197 -13.26 -9.19 20.49
CA VAL C 197 -12.04 -9.97 20.31
C VAL C 197 -11.26 -9.35 19.16
N MET C 198 -10.02 -8.93 19.44
CA MET C 198 -9.24 -8.17 18.47
C MET C 198 -8.17 -8.98 17.77
N SER C 199 -7.69 -10.07 18.36
CA SER C 199 -6.65 -10.86 17.71
C SER C 199 -6.61 -12.25 18.30
N LEU C 200 -6.11 -13.20 17.51
CA LEU C 200 -5.93 -14.57 17.95
C LEU C 200 -4.58 -15.08 17.46
N SER C 201 -4.05 -16.09 18.15
CA SER C 201 -2.79 -16.72 17.77
C SER C 201 -2.98 -18.22 17.82
N LEU C 202 -2.49 -18.91 16.80
CA LEU C 202 -2.59 -20.36 16.71
C LEU C 202 -1.30 -21.01 17.19
N ALA C 203 -1.43 -22.05 18.00
CA ALA C 203 -0.27 -22.73 18.54
C ALA C 203 0.51 -23.44 17.42
N PRO C 204 1.81 -23.65 17.61
CA PRO C 204 2.57 -24.39 16.59
C PRO C 204 2.03 -25.78 16.32
N ASP C 205 1.50 -26.45 17.34
CA ASP C 205 0.89 -27.76 17.16
C ASP C 205 -0.51 -27.69 16.58
N THR C 206 -1.08 -26.49 16.47
CA THR C 206 -2.43 -26.27 15.94
C THR C 206 -3.48 -27.07 16.70
N ARG C 207 -3.26 -27.26 18.00
CA ARG C 207 -4.22 -27.91 18.88
C ARG C 207 -4.90 -26.95 19.85
N LEU C 208 -4.29 -25.79 20.11
CA LEU C 208 -4.85 -24.77 20.96
C LEU C 208 -4.66 -23.42 20.30
N PHE C 209 -5.46 -22.44 20.72
CA PHE C 209 -5.29 -21.09 20.23
C PHE C 209 -5.88 -20.11 21.24
N VAL C 210 -5.18 -18.99 21.43
CA VAL C 210 -5.60 -17.97 22.35
C VAL C 210 -6.27 -16.84 21.58
N SER C 211 -6.95 -15.95 22.30
CA SER C 211 -7.59 -14.80 21.68
C SER C 211 -7.51 -13.62 22.64
N GLY C 212 -7.21 -12.45 22.09
CA GLY C 212 -7.14 -11.23 22.85
C GLY C 212 -8.41 -10.42 22.68
N ALA C 213 -9.12 -10.20 23.79
CA ALA C 213 -10.40 -9.52 23.78
C ALA C 213 -10.25 -8.12 24.35
N CYS C 214 -11.31 -7.32 24.16
CA CYS C 214 -11.32 -5.94 24.61
C CYS C 214 -11.60 -5.80 26.10
N ASP C 215 -11.94 -6.89 26.79
CA ASP C 215 -12.17 -6.87 28.23
C ASP C 215 -10.90 -7.10 29.03
N ALA C 216 -9.73 -6.86 28.44
CA ALA C 216 -8.44 -7.05 29.09
C ALA C 216 -8.27 -8.47 29.60
N SER C 217 -8.77 -9.44 28.84
CA SER C 217 -8.68 -10.84 29.21
C SER C 217 -8.32 -11.66 27.98
N ALA C 218 -7.37 -12.57 28.14
CA ALA C 218 -6.97 -13.50 27.09
C ALA C 218 -7.33 -14.92 27.49
N LYS C 219 -8.02 -15.64 26.61
CA LYS C 219 -8.50 -16.97 26.90
C LYS C 219 -7.85 -17.96 25.97
N LEU C 220 -7.36 -19.07 26.52
CA LEU C 220 -6.77 -20.15 25.74
C LEU C 220 -7.87 -21.15 25.40
N TRP C 221 -8.17 -21.28 24.11
CA TRP C 221 -9.23 -22.17 23.65
C TRP C 221 -8.67 -23.51 23.22
N ASP C 222 -9.58 -24.46 23.01
CA ASP C 222 -9.24 -25.79 22.50
C ASP C 222 -10.04 -26.01 21.22
N VAL C 223 -9.34 -26.13 20.09
CA VAL C 223 -10.04 -26.24 18.81
C VAL C 223 -10.77 -27.56 18.70
N ARG C 224 -10.17 -28.64 19.23
CA ARG C 224 -10.81 -29.95 19.14
C ARG C 224 -12.02 -30.06 20.05
N GLU C 225 -11.92 -29.54 21.27
CA GLU C 225 -13.03 -29.63 22.21
C GLU C 225 -14.07 -28.53 21.95
N GLY C 226 -13.66 -27.27 22.10
CA GLY C 226 -14.56 -26.17 21.78
C GLY C 226 -14.87 -25.25 22.94
N MET C 227 -14.10 -25.32 24.01
CA MET C 227 -14.32 -24.49 25.18
C MET C 227 -13.01 -23.90 25.67
N CYS C 228 -13.11 -22.77 26.36
CA CYS C 228 -11.93 -22.11 26.89
C CYS C 228 -11.26 -22.97 27.96
N ARG C 229 -9.94 -23.07 27.89
CA ARG C 229 -9.18 -23.87 28.85
C ARG C 229 -8.67 -23.04 30.01
N GLN C 230 -8.11 -21.85 29.73
CA GLN C 230 -7.60 -20.97 30.76
C GLN C 230 -7.95 -19.54 30.40
N THR C 231 -8.13 -18.71 31.42
CA THR C 231 -8.43 -17.29 31.24
C THR C 231 -7.36 -16.47 31.96
N PHE C 232 -6.78 -15.51 31.24
CA PHE C 232 -5.67 -14.71 31.75
C PHE C 232 -6.11 -13.25 31.84
N THR C 233 -5.86 -12.64 32.99
CA THR C 233 -6.16 -11.23 33.23
C THR C 233 -4.89 -10.51 33.67
N GLY C 234 -4.98 -9.19 33.74
CA GLY C 234 -3.85 -8.38 34.14
C GLY C 234 -3.73 -7.08 33.38
N HIS C 235 -4.29 -7.03 32.17
CA HIS C 235 -4.26 -5.81 31.39
C HIS C 235 -5.30 -4.82 31.91
N GLU C 236 -5.15 -3.56 31.49
CA GLU C 236 -6.05 -2.49 31.91
C GLU C 236 -6.82 -1.87 30.75
N SER C 237 -6.70 -2.40 29.55
CA SER C 237 -7.41 -1.85 28.39
C SER C 237 -7.62 -2.98 27.38
N ASP C 238 -8.06 -2.59 26.18
CA ASP C 238 -8.35 -3.57 25.15
C ASP C 238 -7.06 -4.22 24.64
N ILE C 239 -7.06 -5.55 24.56
CA ILE C 239 -5.91 -6.29 24.06
C ILE C 239 -5.93 -6.23 22.53
N ASN C 240 -5.04 -5.46 21.95
CA ASN C 240 -5.04 -5.20 20.52
C ASN C 240 -4.26 -6.24 19.71
N ALA C 241 -3.47 -7.10 20.37
CA ALA C 241 -2.67 -8.07 19.63
C ALA C 241 -2.29 -9.22 20.56
N ILE C 242 -1.93 -10.34 19.94
CA ILE C 242 -1.52 -11.53 20.67
C ILE C 242 -0.68 -12.38 19.75
N CYS C 243 0.20 -13.20 20.33
CA CYS C 243 1.04 -14.11 19.57
C CYS C 243 1.60 -15.16 20.51
N PHE C 244 1.74 -16.38 20.00
CA PHE C 244 2.25 -17.49 20.82
C PHE C 244 3.77 -17.49 20.87
N PHE C 245 4.29 -17.95 22.01
CA PHE C 245 5.71 -18.26 22.11
C PHE C 245 6.05 -19.38 21.12
N PRO C 246 7.26 -19.38 20.57
CA PRO C 246 7.61 -20.43 19.59
C PRO C 246 7.46 -21.85 20.13
N ASN C 247 7.66 -22.06 21.42
CA ASN C 247 7.47 -23.40 21.98
C ASN C 247 6.02 -23.72 22.28
N GLY C 248 5.12 -22.73 22.18
CA GLY C 248 3.71 -22.95 22.38
C GLY C 248 3.26 -23.02 23.83
N ASN C 249 4.13 -22.70 24.78
CA ASN C 249 3.79 -22.74 26.20
C ASN C 249 3.66 -21.34 26.79
N ALA C 250 3.61 -20.31 25.96
CA ALA C 250 3.47 -18.94 26.44
C ALA C 250 2.93 -18.09 25.31
N PHE C 251 2.45 -16.89 25.68
CA PHE C 251 1.98 -15.94 24.69
C PHE C 251 2.12 -14.53 25.24
N ALA C 252 2.19 -13.56 24.35
CA ALA C 252 2.39 -12.16 24.69
C ALA C 252 1.21 -11.35 24.20
N THR C 253 0.71 -10.46 25.05
CA THR C 253 -0.45 -9.63 24.76
C THR C 253 -0.05 -8.17 24.74
N GLY C 254 -0.46 -7.45 23.70
CA GLY C 254 -0.29 -6.01 23.61
C GLY C 254 -1.65 -5.34 23.73
N SER C 255 -1.67 -4.20 24.41
CA SER C 255 -2.92 -3.50 24.70
C SER C 255 -2.74 -2.00 24.56
N ASP C 256 -3.86 -1.29 24.60
CA ASP C 256 -3.86 0.17 24.57
C ASP C 256 -3.26 0.78 25.83
N ASP C 257 -3.07 -0.02 26.88
CA ASP C 257 -2.44 0.41 28.12
C ASP C 257 -0.95 0.72 27.92
N ALA C 258 -0.43 0.51 26.71
CA ALA C 258 0.98 0.73 26.37
C ALA C 258 1.89 -0.22 27.14
N THR C 259 1.41 -1.43 27.42
CA THR C 259 2.17 -2.45 28.11
C THR C 259 2.04 -3.77 27.37
N CYS C 260 3.16 -4.47 27.19
CA CYS C 260 3.17 -5.82 26.66
C CYS C 260 3.40 -6.79 27.82
N ARG C 261 2.58 -7.83 27.89
CA ARG C 261 2.62 -8.76 29.00
C ARG C 261 2.75 -10.18 28.48
N LEU C 262 3.61 -10.97 29.12
CA LEU C 262 3.89 -12.35 28.73
C LEU C 262 3.29 -13.28 29.77
N PHE C 263 2.32 -14.08 29.37
CA PHE C 263 1.69 -15.07 30.24
C PHE C 263 2.29 -16.45 29.99
N ASP C 264 1.92 -17.39 30.86
CA ASP C 264 2.36 -18.77 30.74
C ASP C 264 1.15 -19.69 30.85
N LEU C 265 1.09 -20.68 29.95
CA LEU C 265 -0.07 -21.58 29.93
C LEU C 265 -0.07 -22.52 31.11
N ARG C 266 1.09 -23.10 31.45
CA ARG C 266 1.15 -24.04 32.56
C ARG C 266 1.06 -23.33 33.90
N ALA C 267 1.75 -22.19 34.05
CA ALA C 267 1.67 -21.43 35.28
C ALA C 267 0.33 -20.73 35.44
N ASP C 268 -0.36 -20.45 34.34
CA ASP C 268 -1.69 -19.82 34.36
C ASP C 268 -1.66 -18.48 35.10
N GLN C 269 -0.60 -17.70 34.88
CA GLN C 269 -0.48 -16.40 35.51
C GLN C 269 0.55 -15.57 34.75
N GLU C 270 0.63 -14.29 35.12
CA GLU C 270 1.56 -13.37 34.49
C GLU C 270 3.00 -13.76 34.80
N LEU C 271 3.90 -13.46 33.87
CA LEU C 271 5.33 -13.68 34.07
C LEU C 271 6.10 -12.36 34.08
N MET C 272 6.00 -11.54 33.04
CA MET C 272 6.69 -10.27 32.98
C MET C 272 5.82 -9.26 32.22
N THR C 273 6.10 -7.99 32.46
CA THR C 273 5.46 -6.89 31.74
C THR C 273 6.54 -6.01 31.13
N TYR C 274 6.39 -5.69 29.85
CA TYR C 274 7.35 -4.86 29.12
C TYR C 274 6.75 -3.47 29.01
N SER C 275 7.10 -2.61 29.97
CA SER C 275 6.58 -1.26 30.06
C SER C 275 7.72 -0.27 30.15
N HIS C 276 7.42 0.97 29.76
CA HIS C 276 8.39 2.06 29.86
C HIS C 276 7.63 3.35 30.12
N ASP C 277 8.20 4.20 30.98
CA ASP C 277 7.53 5.44 31.36
C ASP C 277 7.43 6.43 30.20
N ASN C 278 8.27 6.30 29.18
CA ASN C 278 8.26 7.21 28.04
C ASN C 278 7.37 6.72 26.91
N ILE C 279 6.63 5.63 27.11
CA ILE C 279 5.74 5.09 26.09
C ILE C 279 4.30 5.21 26.61
N ILE C 280 3.47 5.91 25.85
CA ILE C 280 2.06 6.06 26.19
C ILE C 280 1.13 5.49 25.12
N CYS C 281 1.58 5.34 23.88
CA CYS C 281 0.73 4.83 22.82
C CYS C 281 0.55 3.32 22.94
N GLY C 282 -0.58 2.83 22.43
CA GLY C 282 -0.93 1.43 22.57
C GLY C 282 -0.27 0.55 21.52
N ILE C 283 -0.08 -0.72 21.88
CA ILE C 283 0.53 -1.69 20.98
C ILE C 283 -0.49 -2.12 19.94
N THR C 284 -0.04 -2.23 18.68
CA THR C 284 -0.90 -2.69 17.60
C THR C 284 -0.60 -4.10 17.11
N SER C 285 0.62 -4.60 17.32
CA SER C 285 0.98 -5.92 16.84
C SER C 285 2.13 -6.46 17.66
N VAL C 286 2.08 -7.75 17.98
CA VAL C 286 3.11 -8.44 18.74
C VAL C 286 3.51 -9.70 17.98
N SER C 287 4.81 -9.93 17.86
CA SER C 287 5.31 -11.15 17.23
C SER C 287 6.67 -11.49 17.80
N PHE C 288 6.83 -12.74 18.23
CA PHE C 288 8.08 -13.20 18.81
C PHE C 288 9.11 -13.46 17.71
N SER C 289 10.33 -13.73 18.14
CA SER C 289 11.39 -14.15 17.23
C SER C 289 11.43 -15.66 17.15
N LYS C 290 12.34 -16.19 16.33
CA LYS C 290 12.44 -17.64 16.18
C LYS C 290 12.89 -18.31 17.47
N SER C 291 13.83 -17.70 18.19
CA SER C 291 14.31 -18.24 19.45
C SER C 291 13.42 -17.86 20.64
N GLY C 292 12.40 -17.03 20.42
CA GLY C 292 11.55 -16.60 21.51
C GLY C 292 12.19 -15.64 22.48
N ARG C 293 13.25 -14.95 22.07
CA ARG C 293 13.92 -13.98 22.92
C ARG C 293 13.54 -12.55 22.61
N LEU C 294 13.50 -12.18 21.32
CA LEU C 294 13.12 -10.84 20.93
C LEU C 294 11.61 -10.77 20.76
N LEU C 295 10.97 -9.83 21.46
CA LEU C 295 9.52 -9.62 21.38
C LEU C 295 9.28 -8.35 20.56
N LEU C 296 9.16 -8.53 19.26
CA LEU C 296 8.83 -7.40 18.38
C LEU C 296 7.41 -6.93 18.70
N ALA C 297 7.26 -5.63 18.93
CA ALA C 297 5.98 -5.03 19.25
C ALA C 297 5.80 -3.77 18.43
N GLY C 298 4.62 -3.60 17.84
CA GLY C 298 4.36 -2.43 17.01
C GLY C 298 3.53 -1.38 17.73
N TYR C 299 4.19 -0.31 18.19
CA TYR C 299 3.51 0.73 18.93
C TYR C 299 2.89 1.75 17.98
N ASP C 300 2.09 2.64 18.55
CA ASP C 300 1.40 3.67 17.78
C ASP C 300 2.21 4.94 17.63
N ASP C 301 3.38 5.03 18.27
CA ASP C 301 4.26 6.19 18.13
C ASP C 301 5.28 6.01 17.01
N PHE C 302 4.91 5.26 15.97
CA PHE C 302 5.73 5.06 14.77
C PHE C 302 7.00 4.26 15.05
N ASN C 303 7.01 3.48 16.12
CA ASN C 303 8.18 2.70 16.50
C ASN C 303 7.83 1.21 16.54
N CYS C 304 8.86 0.38 16.66
CA CYS C 304 8.69 -1.06 16.71
C CYS C 304 9.59 -1.64 17.81
N ASN C 305 9.49 -1.07 19.02
CA ASN C 305 10.44 -1.38 20.08
C ASN C 305 10.59 -2.88 20.31
N VAL C 306 11.83 -3.36 20.27
CA VAL C 306 12.15 -4.76 20.49
C VAL C 306 12.38 -4.98 21.97
N TRP C 307 11.60 -5.87 22.57
CA TRP C 307 11.68 -6.15 23.99
C TRP C 307 12.32 -7.53 24.21
N ASP C 308 13.34 -7.57 25.04
CA ASP C 308 13.93 -8.84 25.45
C ASP C 308 12.94 -9.56 26.34
N ALA C 309 12.42 -10.70 25.86
CA ALA C 309 11.35 -11.40 26.56
C ALA C 309 11.77 -11.96 27.90
N LEU C 310 13.06 -12.03 28.19
CA LEU C 310 13.56 -12.53 29.47
C LEU C 310 14.14 -11.44 30.35
N LYS C 311 14.29 -10.22 29.82
CA LYS C 311 14.84 -9.10 30.59
C LYS C 311 13.94 -7.88 30.65
N ALA C 312 12.94 -7.77 29.77
CA ALA C 312 12.02 -6.64 29.74
C ALA C 312 12.76 -5.32 29.56
N ASP C 313 13.82 -5.33 28.76
CA ASP C 313 14.60 -4.15 28.44
C ASP C 313 14.59 -3.92 26.94
N ARG C 314 14.22 -2.71 26.53
CA ARG C 314 14.18 -2.40 25.11
C ARG C 314 15.57 -2.49 24.50
N ALA C 315 15.66 -3.11 23.32
CA ALA C 315 16.94 -3.32 22.65
C ALA C 315 16.97 -2.71 21.25
N GLY C 316 15.88 -2.11 20.80
CA GLY C 316 15.85 -1.47 19.49
C GLY C 316 14.62 -0.61 19.37
N VAL C 317 14.65 0.27 18.37
CA VAL C 317 13.52 1.17 18.15
C VAL C 317 12.87 0.88 16.80
N LEU C 318 13.68 0.46 15.82
CA LEU C 318 13.21 0.17 14.47
C LEU C 318 12.32 1.29 13.94
N ALA C 319 12.77 2.52 14.13
CA ALA C 319 12.01 3.70 13.77
C ALA C 319 12.28 4.05 12.31
N GLY C 320 11.36 3.66 11.43
CA GLY C 320 11.48 4.00 10.03
C GLY C 320 10.15 4.32 9.38
N HIS C 321 9.09 4.39 10.17
CA HIS C 321 7.74 4.57 9.66
C HIS C 321 7.23 5.97 9.99
N ASP C 322 6.33 6.46 9.14
CA ASP C 322 5.70 7.76 9.33
C ASP C 322 4.45 7.66 10.21
N ASN C 323 3.55 6.75 9.87
CA ASN C 323 2.32 6.54 10.62
C ASN C 323 2.46 5.30 11.51
N ARG C 324 1.35 4.90 12.11
CA ARG C 324 1.37 3.81 13.09
C ARG C 324 1.83 2.51 12.47
N VAL C 325 2.61 1.74 13.23
CA VAL C 325 3.00 0.40 12.84
C VAL C 325 1.87 -0.54 13.25
N SER C 326 0.91 -0.75 12.35
CA SER C 326 -0.30 -1.49 12.70
C SER C 326 -0.04 -2.99 12.80
N CYS C 327 0.72 -3.54 11.86
CA CYS C 327 0.91 -4.97 11.79
C CYS C 327 2.37 -5.30 11.55
N LEU C 328 2.81 -6.44 12.08
CA LEU C 328 4.18 -6.89 11.91
C LEU C 328 4.21 -8.41 12.06
N GLY C 329 5.28 -9.01 11.56
CA GLY C 329 5.42 -10.45 11.65
C GLY C 329 6.81 -10.95 11.30
N VAL C 330 7.36 -11.80 12.16
CA VAL C 330 8.66 -12.41 11.91
C VAL C 330 8.49 -13.67 11.09
N THR C 331 9.43 -13.91 10.17
CA THR C 331 9.34 -15.07 9.29
C THR C 331 9.51 -16.36 10.10
N ASP C 332 9.23 -17.49 9.44
CA ASP C 332 9.30 -18.78 10.12
C ASP C 332 10.74 -19.17 10.42
N ASP C 333 11.70 -18.71 9.63
CA ASP C 333 13.10 -18.95 9.90
C ASP C 333 13.75 -17.83 10.72
N GLY C 334 12.97 -16.81 11.10
CA GLY C 334 13.49 -15.74 11.92
C GLY C 334 14.48 -14.84 11.20
N MET C 335 14.52 -14.88 9.88
CA MET C 335 15.52 -14.14 9.11
C MET C 335 15.11 -12.70 8.83
N ALA C 336 13.85 -12.34 9.08
CA ALA C 336 13.41 -10.98 8.80
C ALA C 336 12.17 -10.68 9.63
N VAL C 337 11.87 -9.39 9.79
CA VAL C 337 10.67 -8.95 10.48
C VAL C 337 10.05 -7.77 9.73
N ALA C 338 9.00 -8.05 8.97
CA ALA C 338 8.30 -6.99 8.27
C ALA C 338 7.43 -6.19 9.23
N THR C 339 7.18 -4.94 8.88
CA THR C 339 6.39 -4.03 9.71
C THR C 339 5.45 -3.25 8.79
N GLY C 340 4.25 -3.77 8.57
CA GLY C 340 3.24 -3.00 7.88
C GLY C 340 2.82 -1.80 8.70
N SER C 341 2.46 -0.73 8.00
CA SER C 341 2.15 0.52 8.69
C SER C 341 1.08 1.27 7.92
N TRP C 342 0.50 2.28 8.59
CA TRP C 342 -0.58 3.06 8.00
C TRP C 342 -0.11 3.97 6.89
N ASP C 343 1.19 4.13 6.68
CA ASP C 343 1.70 4.94 5.60
C ASP C 343 1.85 4.16 4.30
N SER C 344 1.20 3.00 4.19
CA SER C 344 1.12 2.18 2.98
C SER C 344 2.45 1.59 2.57
N PHE C 345 3.43 1.51 3.47
CA PHE C 345 4.74 0.97 3.16
C PHE C 345 5.07 -0.17 4.14
N LEU C 346 5.43 -1.32 3.59
CA LEU C 346 6.02 -2.38 4.39
C LEU C 346 7.54 -2.28 4.33
N LYS C 347 8.19 -2.70 5.40
CA LYS C 347 9.65 -2.62 5.50
C LYS C 347 10.16 -3.93 6.07
N ILE C 348 10.97 -4.66 5.29
CA ILE C 348 11.49 -5.93 5.73
C ILE C 348 12.79 -5.72 6.51
N TRP C 349 12.67 -5.49 7.80
CA TRP C 349 13.83 -5.27 8.64
C TRP C 349 14.62 -6.54 8.82
N ASN C 350 15.94 -6.40 8.96
CA ASN C 350 16.82 -7.53 9.18
C ASN C 350 18.14 -7.03 9.75
N GLY C 351 18.54 -7.56 10.90
CA GLY C 351 19.75 -7.11 11.55
C GLY C 351 21.02 -7.57 10.87
N SER C 352 21.83 -6.62 10.40
CA SER C 352 23.08 -6.96 9.74
C SER C 352 24.15 -7.35 10.76
N SER C 353 25.18 -8.03 10.27
CA SER C 353 26.27 -8.48 11.11
C SER C 353 27.19 -7.33 11.51
N SER D 8 -30.91 -15.70 32.03
CA SER D 8 -29.84 -14.87 32.65
C SER D 8 -29.32 -15.54 33.92
N ILE D 9 -30.23 -16.05 34.76
CA ILE D 9 -29.80 -16.78 35.98
C ILE D 9 -29.03 -18.02 35.54
N ALA D 10 -29.55 -18.75 34.55
CA ALA D 10 -28.85 -19.94 34.02
C ALA D 10 -27.53 -19.51 33.38
N GLN D 11 -27.52 -18.36 32.70
CA GLN D 11 -26.27 -17.85 32.08
C GLN D 11 -25.21 -17.65 33.17
N ALA D 12 -25.62 -17.11 34.31
CA ALA D 12 -24.67 -16.95 35.44
C ALA D 12 -24.19 -18.33 35.89
N ARG D 13 -25.09 -19.32 35.92
CA ARG D 13 -24.69 -20.69 36.31
C ARG D 13 -23.60 -21.17 35.36
N LYS D 14 -23.72 -20.86 34.06
CA LYS D 14 -22.71 -21.28 33.06
C LYS D 14 -21.37 -20.62 33.40
N LEU D 15 -21.37 -19.30 33.59
CA LEU D 15 -20.11 -18.61 34.00
C LEU D 15 -19.58 -19.33 35.24
N VAL D 16 -20.44 -19.61 36.21
CA VAL D 16 -20.02 -20.34 37.38
C VAL D 16 -19.44 -21.69 37.00
N GLU D 17 -20.09 -22.39 36.06
CA GLU D 17 -19.60 -23.69 35.63
C GLU D 17 -18.23 -23.57 34.96
N GLN D 18 -18.03 -22.52 34.16
CA GLN D 18 -16.74 -22.31 33.53
C GLN D 18 -15.65 -21.98 34.54
N LEU D 19 -16.02 -21.41 35.68
CA LEU D 19 -15.00 -20.98 36.64
C LEU D 19 -14.35 -22.16 37.35
N LYS D 20 -15.15 -23.14 37.78
CA LYS D 20 -14.57 -24.24 38.56
C LYS D 20 -13.74 -25.18 37.68
N MET D 21 -14.08 -25.31 36.40
CA MET D 21 -13.31 -26.20 35.53
C MET D 21 -11.91 -25.66 35.28
N GLU D 22 -11.74 -24.33 35.29
CA GLU D 22 -10.41 -23.76 35.21
C GLU D 22 -9.65 -23.89 36.52
N ALA D 23 -10.38 -23.95 37.65
CA ALA D 23 -9.73 -24.13 38.94
C ALA D 23 -9.10 -25.51 39.07
N ASN D 24 -9.72 -26.52 38.46
CA ASN D 24 -9.20 -27.88 38.51
C ASN D 24 -7.94 -28.07 37.68
N ILE D 25 -7.56 -27.08 36.87
CA ILE D 25 -6.38 -27.19 36.03
C ILE D 25 -5.14 -27.28 36.93
N ASP D 26 -4.29 -28.26 36.66
CA ASP D 26 -3.06 -28.45 37.42
C ASP D 26 -2.07 -27.37 37.02
N ARG D 27 -1.74 -26.49 37.96
CA ARG D 27 -0.83 -25.38 37.71
C ARG D 27 0.58 -25.75 38.15
N ILE D 28 1.54 -25.52 37.28
CA ILE D 28 2.94 -25.76 37.59
C ILE D 28 3.52 -24.52 38.25
N LYS D 29 4.65 -24.71 38.94
CA LYS D 29 5.32 -23.59 39.59
C LYS D 29 5.88 -22.62 38.55
N VAL D 30 5.85 -21.33 38.88
CA VAL D 30 6.32 -20.32 37.94
C VAL D 30 7.82 -20.48 37.70
N SER D 31 8.57 -20.83 38.74
CA SER D 31 10.01 -21.02 38.59
C SER D 31 10.33 -22.11 37.58
N LYS D 32 9.58 -23.22 37.63
CA LYS D 32 9.73 -24.25 36.61
C LYS D 32 9.31 -23.75 35.24
N ALA D 33 8.20 -23.01 35.18
CA ALA D 33 7.74 -22.45 33.92
C ALA D 33 8.71 -21.40 33.39
N ALA D 34 9.27 -20.59 34.29
CA ALA D 34 10.24 -19.58 33.86
C ALA D 34 11.50 -20.20 33.28
N ALA D 35 11.97 -21.31 33.87
CA ALA D 35 13.18 -21.96 33.39
C ALA D 35 12.98 -22.52 31.99
N ASP D 36 11.80 -23.06 31.71
CA ASP D 36 11.55 -23.65 30.39
C ASP D 36 11.64 -22.61 29.29
N LEU D 37 11.07 -21.42 29.52
CA LEU D 37 11.17 -20.36 28.52
C LEU D 37 12.61 -19.91 28.32
N MET D 38 13.37 -19.77 29.41
CA MET D 38 14.77 -19.38 29.28
C MET D 38 15.59 -20.47 28.60
N ALA D 39 15.33 -21.73 28.94
CA ALA D 39 16.06 -22.82 28.30
C ALA D 39 15.75 -22.93 26.82
N TYR D 40 14.51 -22.64 26.42
CA TYR D 40 14.17 -22.69 25.00
C TYR D 40 14.96 -21.67 24.21
N CYS D 41 15.10 -20.45 24.75
CA CYS D 41 15.90 -19.43 24.06
C CYS D 41 17.37 -19.82 24.01
N GLU D 42 17.90 -20.40 25.09
CA GLU D 42 19.29 -20.81 25.11
C GLU D 42 19.58 -21.91 24.09
N ALA D 43 18.66 -22.86 23.95
CA ALA D 43 18.87 -23.96 23.01
C ALA D 43 18.75 -23.50 21.56
N HIS D 44 17.95 -22.46 21.30
CA HIS D 44 17.70 -22.00 19.95
C HIS D 44 18.31 -20.62 19.68
N ALA D 45 19.28 -20.20 20.50
CA ALA D 45 19.90 -18.90 20.31
C ALA D 45 20.71 -18.84 19.03
N LYS D 46 21.42 -19.91 18.70
CA LYS D 46 22.29 -19.91 17.53
C LYS D 46 21.51 -19.93 16.22
N GLU D 47 20.25 -20.34 16.23
CA GLU D 47 19.44 -20.42 15.03
C GLU D 47 18.57 -19.19 14.81
N ASP D 48 18.80 -18.12 15.57
CA ASP D 48 17.98 -16.92 15.45
C ASP D 48 18.75 -15.85 14.68
N PRO D 49 18.37 -15.56 13.43
CA PRO D 49 19.09 -14.51 12.68
C PRO D 49 18.94 -13.11 13.25
N LEU D 50 17.93 -12.86 14.08
CA LEU D 50 17.76 -11.53 14.66
C LEU D 50 18.57 -11.35 15.93
N LEU D 51 18.60 -12.38 16.79
CA LEU D 51 19.43 -12.30 17.99
C LEU D 51 20.91 -12.29 17.62
N THR D 52 21.34 -13.23 16.78
CA THR D 52 22.71 -13.29 16.28
C THR D 52 22.68 -13.09 14.77
N PRO D 53 23.03 -11.91 14.28
CA PRO D 53 22.93 -11.65 12.83
C PRO D 53 23.78 -12.63 12.02
N VAL D 54 23.23 -13.05 10.89
CA VAL D 54 23.90 -14.00 9.99
C VAL D 54 24.89 -13.24 9.13
N PRO D 55 25.93 -13.90 8.60
CA PRO D 55 26.84 -13.21 7.67
C PRO D 55 26.10 -12.78 6.41
N ALA D 56 26.62 -11.71 5.80
CA ALA D 56 25.99 -11.16 4.60
C ALA D 56 25.94 -12.17 3.45
N SER D 57 26.86 -13.13 3.42
CA SER D 57 26.84 -14.14 2.37
C SER D 57 25.58 -14.99 2.45
N GLU D 58 25.19 -15.41 3.65
CA GLU D 58 24.01 -16.24 3.85
C GLU D 58 22.74 -15.43 4.05
N ASN D 59 22.84 -14.10 4.09
CA ASN D 59 21.67 -13.26 4.30
C ASN D 59 20.87 -13.17 3.00
N PRO D 60 19.61 -13.60 2.98
CA PRO D 60 18.83 -13.49 1.74
C PRO D 60 18.49 -12.05 1.38
N PHE D 61 18.39 -11.16 2.36
CA PHE D 61 18.12 -9.76 2.10
C PHE D 61 19.42 -8.97 2.11
N ARG D 62 19.69 -8.27 1.01
CA ARG D 62 20.92 -7.49 0.89
C ARG D 62 20.66 -6.15 0.21
N VAL E 1 -9.12 -25.00 -19.47
CA VAL E 1 -8.11 -24.50 -20.38
C VAL E 1 -8.17 -25.26 -21.70
N GLN E 2 -8.16 -24.52 -22.81
CA GLN E 2 -8.20 -25.14 -24.14
C GLN E 2 -7.66 -24.14 -25.15
N LEU E 3 -6.56 -24.49 -25.81
CA LEU E 3 -5.94 -23.67 -26.84
C LEU E 3 -6.16 -24.35 -28.18
N VAL E 4 -7.01 -23.76 -29.01
CA VAL E 4 -7.33 -24.29 -30.33
C VAL E 4 -6.80 -23.31 -31.37
N GLU E 5 -6.01 -23.81 -32.31
CA GLU E 5 -5.40 -23.00 -33.35
C GLU E 5 -5.99 -23.33 -34.71
N SER E 6 -5.83 -22.40 -35.64
CA SER E 6 -6.34 -22.56 -37.00
C SER E 6 -5.48 -21.75 -37.95
N GLY E 7 -5.58 -22.08 -39.23
CA GLY E 7 -4.86 -21.38 -40.28
C GLY E 7 -3.84 -22.23 -41.01
N GLY E 8 -3.61 -23.47 -40.58
CA GLY E 8 -2.66 -24.31 -41.26
C GLY E 8 -3.16 -24.80 -42.60
N GLY E 9 -2.22 -25.15 -43.47
CA GLY E 9 -2.57 -25.65 -44.78
C GLY E 9 -1.38 -25.58 -45.71
N LEU E 10 -1.60 -26.11 -46.92
CA LEU E 10 -0.55 -26.08 -47.93
C LEU E 10 -0.36 -24.67 -48.47
N VAL E 11 0.90 -24.24 -48.57
CA VAL E 11 1.23 -22.88 -48.99
C VAL E 11 2.41 -22.95 -49.95
N GLN E 12 2.34 -22.18 -51.03
CA GLN E 12 3.44 -22.09 -51.96
C GLN E 12 4.57 -21.24 -51.36
N PRO E 13 5.83 -21.55 -51.68
CA PRO E 13 6.93 -20.75 -51.15
C PRO E 13 6.83 -19.30 -51.59
N GLY E 14 7.22 -18.41 -50.68
CA GLY E 14 7.13 -16.98 -50.93
C GLY E 14 5.78 -16.36 -50.64
N GLY E 15 4.82 -17.14 -50.18
CA GLY E 15 3.49 -16.63 -49.88
C GLY E 15 3.37 -16.11 -48.46
N SER E 16 2.12 -15.93 -48.03
CA SER E 16 1.82 -15.41 -46.71
C SER E 16 0.71 -16.23 -46.08
N ARG E 17 0.70 -16.25 -44.75
CA ARG E 17 -0.28 -17.02 -44.00
C ARG E 17 -0.38 -16.45 -42.60
N LYS E 18 -1.56 -16.57 -42.00
CA LYS E 18 -1.78 -16.12 -40.62
C LYS E 18 -2.31 -17.27 -39.79
N LEU E 19 -1.70 -17.49 -38.63
CA LEU E 19 -2.14 -18.50 -37.68
C LEU E 19 -2.80 -17.82 -36.50
N SER E 20 -4.00 -18.28 -36.15
CA SER E 20 -4.76 -17.75 -35.02
C SER E 20 -4.88 -18.82 -33.95
N CYS E 21 -4.54 -18.46 -32.72
CA CYS E 21 -4.62 -19.37 -31.57
C CYS E 21 -5.72 -18.87 -30.65
N SER E 22 -6.79 -19.65 -30.51
CA SER E 22 -7.93 -19.25 -29.70
C SER E 22 -7.75 -19.77 -28.27
N ALA E 23 -7.70 -18.84 -27.32
CA ALA E 23 -7.53 -19.17 -25.91
C ALA E 23 -8.87 -19.07 -25.21
N SER E 24 -9.29 -20.15 -24.55
CA SER E 24 -10.55 -20.19 -23.83
C SER E 24 -10.38 -21.01 -22.56
N GLY E 25 -10.95 -20.52 -21.47
CA GLY E 25 -10.93 -21.22 -20.20
C GLY E 25 -9.89 -20.75 -19.21
N PHE E 26 -9.17 -19.67 -19.50
CA PHE E 26 -8.18 -19.15 -18.57
C PHE E 26 -7.93 -17.69 -18.90
N ALA E 27 -7.28 -16.99 -17.96
CA ALA E 27 -7.00 -15.57 -18.10
C ALA E 27 -5.92 -15.35 -19.14
N PHE E 28 -6.32 -15.09 -20.38
CA PHE E 28 -5.36 -14.94 -21.47
C PHE E 28 -4.47 -13.71 -21.26
N SER E 29 -5.05 -12.60 -20.79
CA SER E 29 -4.29 -11.37 -20.66
C SER E 29 -3.17 -11.47 -19.62
N SER E 30 -3.24 -12.43 -18.71
CA SER E 30 -2.23 -12.60 -17.68
C SER E 30 -1.18 -13.64 -18.01
N PHE E 31 -1.27 -14.28 -19.17
CA PHE E 31 -0.40 -15.39 -19.53
C PHE E 31 0.48 -15.00 -20.72
N GLY E 32 1.79 -15.15 -20.56
CA GLY E 32 2.69 -15.03 -21.70
C GLY E 32 2.51 -16.20 -22.64
N MET E 33 2.73 -15.94 -23.92
CA MET E 33 2.48 -16.93 -24.96
C MET E 33 3.76 -17.22 -25.74
N HIS E 34 3.99 -18.49 -26.05
CA HIS E 34 5.09 -18.94 -26.87
C HIS E 34 4.56 -19.66 -28.10
N TRP E 35 5.37 -19.65 -29.15
CA TRP E 35 5.10 -20.42 -30.36
C TRP E 35 6.20 -21.46 -30.52
N VAL E 36 5.80 -22.72 -30.66
CA VAL E 36 6.74 -23.83 -30.85
C VAL E 36 6.27 -24.67 -32.03
N ARG E 37 7.17 -24.93 -32.96
CA ARG E 37 6.88 -25.77 -34.11
C ARG E 37 7.72 -27.04 -34.05
N GLN E 38 7.28 -28.05 -34.80
CA GLN E 38 7.96 -29.34 -34.84
C GLN E 38 7.94 -29.86 -36.26
N ALA E 39 9.12 -30.02 -36.85
CA ALA E 39 9.22 -30.57 -38.18
C ALA E 39 8.77 -32.04 -38.18
N PRO E 40 8.14 -32.50 -39.26
CA PRO E 40 7.69 -33.89 -39.31
C PRO E 40 8.85 -34.86 -39.11
N GLU E 41 8.61 -35.89 -38.31
CA GLU E 41 9.62 -36.91 -37.99
C GLU E 41 10.88 -36.28 -37.41
N LYS E 42 10.69 -35.23 -36.60
CA LYS E 42 11.80 -34.53 -35.96
C LYS E 42 11.34 -34.06 -34.59
N GLY E 43 12.17 -33.25 -33.94
CA GLY E 43 11.89 -32.74 -32.62
C GLY E 43 11.21 -31.39 -32.65
N LEU E 44 11.31 -30.69 -31.53
CA LEU E 44 10.72 -29.37 -31.35
C LEU E 44 11.80 -28.30 -31.36
N GLU E 45 11.41 -27.08 -31.72
CA GLU E 45 12.31 -25.94 -31.64
C GLU E 45 11.49 -24.67 -31.45
N TRP E 46 12.02 -23.75 -30.65
CA TRP E 46 11.30 -22.53 -30.31
C TRP E 46 11.18 -21.63 -31.52
N VAL E 47 10.05 -20.91 -31.61
CA VAL E 47 9.75 -20.03 -32.73
C VAL E 47 9.73 -18.56 -32.30
N ALA E 48 8.83 -18.21 -31.38
CA ALA E 48 8.67 -16.83 -30.95
C ALA E 48 8.09 -16.81 -29.54
N TYR E 49 7.83 -15.61 -29.03
CA TYR E 49 7.29 -15.44 -27.70
C TYR E 49 6.74 -14.02 -27.57
N ILE E 50 5.60 -13.91 -26.90
CA ILE E 50 4.99 -12.62 -26.59
C ILE E 50 4.62 -12.61 -25.11
N SER E 51 4.76 -11.46 -24.47
CA SER E 51 4.53 -11.32 -23.05
C SER E 51 3.18 -10.67 -22.78
N SER E 52 2.64 -10.94 -21.59
CA SER E 52 1.40 -10.31 -21.17
C SER E 52 1.60 -8.80 -21.07
N GLY E 53 0.73 -8.05 -21.75
CA GLY E 53 0.98 -6.63 -21.86
C GLY E 53 2.22 -6.41 -22.70
N SER E 54 2.12 -6.71 -24.00
CA SER E 54 3.27 -6.95 -24.87
C SER E 54 4.36 -5.89 -24.73
N GLY E 55 5.52 -6.32 -24.25
CA GLY E 55 6.68 -5.48 -24.15
C GLY E 55 7.95 -6.27 -24.37
N THR E 56 7.78 -7.52 -24.81
CA THR E 56 8.91 -8.44 -25.00
C THR E 56 8.51 -9.42 -26.09
N ILE E 57 9.10 -9.28 -27.26
CA ILE E 57 8.66 -10.00 -28.46
C ILE E 57 9.83 -10.83 -28.98
N TYR E 58 10.65 -11.37 -28.07
CA TYR E 58 11.82 -12.15 -28.46
C TYR E 58 11.47 -13.22 -29.50
N TYR E 59 12.25 -13.27 -30.57
CA TYR E 59 12.11 -14.25 -31.62
C TYR E 59 13.30 -15.21 -31.61
N ALA E 60 13.22 -16.23 -32.46
CA ALA E 60 14.33 -17.13 -32.68
C ALA E 60 15.23 -16.59 -33.78
N ASP E 61 16.51 -16.97 -33.73
CA ASP E 61 17.47 -16.44 -34.68
C ASP E 61 17.13 -16.83 -36.11
N THR E 62 16.67 -18.08 -36.31
CA THR E 62 16.33 -18.54 -37.65
C THR E 62 15.10 -17.88 -38.23
N VAL E 63 14.33 -17.13 -37.42
CA VAL E 63 13.10 -16.51 -37.90
C VAL E 63 13.09 -15.03 -37.55
N LYS E 64 14.14 -14.55 -36.90
CA LYS E 64 14.21 -13.15 -36.51
C LYS E 64 14.23 -12.25 -37.73
N GLY E 65 13.40 -11.20 -37.69
CA GLY E 65 13.27 -10.30 -38.82
C GLY E 65 12.37 -10.79 -39.93
N ARG E 66 11.80 -11.98 -39.81
CA ARG E 66 10.90 -12.55 -40.80
C ARG E 66 9.54 -12.92 -40.25
N PHE E 67 9.46 -13.35 -39.00
CA PHE E 67 8.21 -13.73 -38.36
C PHE E 67 7.79 -12.64 -37.37
N THR E 68 6.49 -12.41 -37.26
CA THR E 68 5.93 -11.46 -36.29
C THR E 68 4.84 -12.15 -35.49
N ILE E 69 4.91 -12.02 -34.17
CA ILE E 69 3.91 -12.59 -33.27
C ILE E 69 3.21 -11.45 -32.56
N SER E 70 1.87 -11.47 -32.59
CA SER E 70 1.08 -10.43 -31.96
C SER E 70 -0.07 -11.08 -31.21
N ARG E 71 -0.42 -10.49 -30.07
CA ARG E 71 -1.51 -10.99 -29.24
C ARG E 71 -2.65 -9.98 -29.22
N ASP E 72 -3.87 -10.48 -29.10
CA ASP E 72 -5.07 -9.66 -29.00
C ASP E 72 -5.79 -10.06 -27.72
N ASP E 73 -5.44 -9.39 -26.62
CA ASP E 73 -6.00 -9.72 -25.32
C ASP E 73 -7.53 -9.58 -25.26
N PRO E 74 -8.15 -8.50 -25.75
CA PRO E 74 -9.61 -8.38 -25.60
C PRO E 74 -10.40 -9.52 -26.23
N LYS E 75 -9.95 -10.06 -27.36
CA LYS E 75 -10.66 -11.14 -28.03
C LYS E 75 -10.07 -12.51 -27.74
N ASN E 76 -9.01 -12.58 -26.92
CA ASN E 76 -8.39 -13.85 -26.52
C ASN E 76 -7.94 -14.66 -27.74
N THR E 77 -7.04 -14.08 -28.51
CA THR E 77 -6.55 -14.72 -29.73
C THR E 77 -5.10 -14.34 -29.95
N LEU E 78 -4.28 -15.32 -30.32
CA LEU E 78 -2.87 -15.13 -30.58
C LEU E 78 -2.59 -15.30 -32.07
N PHE E 79 -1.76 -14.40 -32.61
CA PHE E 79 -1.50 -14.33 -34.04
C PHE E 79 -0.05 -14.69 -34.34
N LEU E 80 0.19 -15.08 -35.59
CA LEU E 80 1.54 -15.32 -36.09
C LEU E 80 1.51 -15.10 -37.61
N GLN E 81 2.08 -13.99 -38.05
CA GLN E 81 2.09 -13.65 -39.47
C GLN E 81 3.22 -14.41 -40.17
N MET E 82 2.88 -15.13 -41.23
CA MET E 82 3.84 -15.93 -41.98
C MET E 82 4.29 -15.13 -43.19
N THR E 83 5.60 -14.84 -43.23
CA THR E 83 6.17 -14.02 -44.32
C THR E 83 7.32 -14.77 -45.00
N SER E 84 7.29 -14.89 -46.33
CA SER E 84 8.33 -15.55 -47.11
C SER E 84 8.57 -16.97 -46.61
N LEU E 85 7.51 -17.78 -46.71
CA LEU E 85 7.53 -19.14 -46.17
C LEU E 85 8.53 -20.00 -46.94
N ARG E 86 9.65 -20.31 -46.30
CA ARG E 86 10.71 -21.07 -46.94
C ARG E 86 10.38 -22.57 -46.92
N SER E 87 11.24 -23.35 -47.57
CA SER E 87 11.03 -24.79 -47.63
C SER E 87 11.17 -25.43 -46.25
N GLU E 88 12.11 -24.95 -45.44
CA GLU E 88 12.32 -25.50 -44.10
C GLU E 88 11.14 -25.24 -43.19
N ASP E 89 10.35 -24.20 -43.45
CA ASP E 89 9.30 -23.76 -42.53
C ASP E 89 8.18 -24.77 -42.35
N THR E 90 8.07 -25.79 -43.22
CA THR E 90 7.00 -26.76 -43.08
C THR E 90 7.15 -27.54 -41.78
N ALA E 91 6.11 -27.49 -40.95
CA ALA E 91 6.12 -28.13 -39.64
C ALA E 91 4.73 -28.00 -39.04
N MET E 92 4.55 -28.58 -37.86
CA MET E 92 3.30 -28.46 -37.11
C MET E 92 3.54 -27.50 -35.95
N TYR E 93 2.71 -26.48 -35.85
CA TYR E 93 2.92 -25.38 -34.91
C TYR E 93 2.04 -25.56 -33.68
N TYR E 94 2.63 -25.34 -32.51
CA TYR E 94 1.96 -25.51 -31.23
C TYR E 94 1.81 -24.16 -30.53
N CYS E 95 0.66 -23.96 -29.90
CA CYS E 95 0.39 -22.79 -29.08
C CYS E 95 0.71 -23.14 -27.63
N VAL E 96 1.51 -22.31 -26.98
CA VAL E 96 2.00 -22.58 -25.64
C VAL E 96 1.68 -21.40 -24.74
N ARG E 97 1.10 -21.67 -23.58
CA ARG E 97 0.86 -20.65 -22.57
C ARG E 97 1.92 -20.76 -21.48
N SER E 98 2.20 -19.63 -20.84
CA SER E 98 3.19 -19.59 -19.79
C SER E 98 2.95 -18.36 -18.92
N ILE E 99 3.13 -18.51 -17.61
CA ILE E 99 3.04 -17.42 -16.67
C ILE E 99 4.31 -17.40 -15.83
N TYR E 100 4.78 -16.21 -15.49
CA TYR E 100 6.08 -16.04 -14.83
C TYR E 100 5.89 -15.25 -13.55
N TYR E 101 5.96 -15.95 -12.42
CA TYR E 101 6.14 -15.33 -11.12
C TYR E 101 6.82 -16.35 -10.21
N TYR E 102 6.96 -16.01 -8.94
CA TYR E 102 7.62 -16.92 -8.01
C TYR E 102 6.82 -18.19 -7.83
N GLY E 103 7.39 -19.33 -8.22
CA GLY E 103 6.70 -20.59 -8.09
C GLY E 103 5.71 -20.91 -9.19
N SER E 104 5.77 -20.19 -10.31
CA SER E 104 4.84 -20.41 -11.40
C SER E 104 5.19 -21.69 -12.16
N SER E 105 4.35 -22.03 -13.14
CA SER E 105 4.53 -23.22 -13.97
C SER E 105 4.48 -22.82 -15.44
N PRO E 106 5.57 -22.23 -15.95
CA PRO E 106 5.59 -21.85 -17.36
C PRO E 106 5.57 -23.07 -18.27
N PHE E 107 5.09 -22.85 -19.49
CA PHE E 107 4.93 -23.91 -20.48
C PHE E 107 4.02 -25.02 -19.96
N ASP E 108 2.92 -24.61 -19.34
CA ASP E 108 2.02 -25.56 -18.70
C ASP E 108 1.13 -26.26 -19.73
N PHE E 109 0.38 -25.49 -20.50
CA PHE E 109 -0.58 -26.04 -21.45
C PHE E 109 -0.09 -25.83 -22.88
N TRP E 110 -0.38 -26.81 -23.73
CA TRP E 110 0.03 -26.78 -25.13
C TRP E 110 -1.20 -26.94 -26.02
N GLY E 111 -1.19 -26.25 -27.16
CA GLY E 111 -2.32 -26.31 -28.06
C GLY E 111 -2.44 -27.66 -28.75
N GLN E 112 -3.60 -27.87 -29.38
CA GLN E 112 -3.86 -29.14 -30.05
C GLN E 112 -2.86 -29.39 -31.18
N GLY E 113 -2.56 -28.36 -31.96
CA GLY E 113 -1.58 -28.48 -33.02
C GLY E 113 -2.14 -28.25 -34.41
N THR E 114 -1.51 -27.36 -35.16
CA THR E 114 -1.85 -27.10 -36.56
C THR E 114 -0.64 -27.37 -37.43
N THR E 115 -0.85 -28.08 -38.52
CA THR E 115 0.23 -28.51 -39.40
C THR E 115 0.35 -27.56 -40.58
N LEU E 116 1.59 -27.34 -41.03
CA LEU E 116 1.89 -26.54 -42.20
C LEU E 116 2.75 -27.36 -43.15
N THR E 117 2.33 -27.43 -44.42
CA THR E 117 3.04 -28.21 -45.44
C THR E 117 3.35 -27.28 -46.61
N VAL E 118 4.52 -26.65 -46.56
CA VAL E 118 4.96 -25.80 -47.66
C VAL E 118 5.42 -26.67 -48.82
N ALA E 136 26.96 -19.72 -29.59
CA ALA E 136 26.43 -18.76 -28.63
C ALA E 136 25.20 -19.32 -27.94
N ASP E 137 24.27 -19.85 -28.73
CA ASP E 137 23.04 -20.43 -28.18
C ASP E 137 23.36 -21.69 -27.39
N ILE E 138 22.54 -21.94 -26.36
CA ILE E 138 22.70 -23.14 -25.56
C ILE E 138 22.36 -24.36 -26.39
N VAL E 139 23.19 -25.40 -26.31
CA VAL E 139 22.95 -26.65 -27.01
C VAL E 139 22.49 -27.68 -25.98
N MET E 140 21.47 -28.45 -26.34
CA MET E 140 20.93 -29.50 -25.48
C MET E 140 20.86 -30.78 -26.28
N THR E 141 21.68 -31.76 -25.90
CA THR E 141 21.78 -33.03 -26.60
C THR E 141 21.50 -34.17 -25.63
N GLN E 142 20.81 -35.20 -26.12
CA GLN E 142 20.55 -36.41 -25.36
C GLN E 142 21.29 -37.57 -26.00
N ALA E 143 22.04 -38.31 -25.18
CA ALA E 143 22.89 -39.38 -25.71
C ALA E 143 22.07 -40.45 -26.41
N THR E 144 20.95 -40.85 -25.83
CA THR E 144 20.10 -41.87 -26.42
C THR E 144 18.92 -41.26 -27.15
N SER E 145 18.46 -41.97 -28.18
CA SER E 145 17.29 -41.55 -28.95
C SER E 145 16.14 -42.54 -28.90
N SER E 146 16.40 -43.80 -28.55
CA SER E 146 15.35 -44.80 -28.43
C SER E 146 15.74 -45.79 -27.34
N VAL E 147 14.95 -45.86 -26.28
CA VAL E 147 15.24 -46.73 -25.15
C VAL E 147 14.17 -47.81 -25.07
N PRO E 148 14.47 -49.06 -25.45
CA PRO E 148 13.48 -50.13 -25.33
C PRO E 148 13.21 -50.47 -23.87
N VAL E 149 11.99 -50.19 -23.40
CA VAL E 149 11.62 -50.36 -22.01
C VAL E 149 10.36 -51.20 -21.92
N THR E 150 10.13 -51.76 -20.73
CA THR E 150 8.95 -52.53 -20.42
C THR E 150 8.29 -51.98 -19.16
N PRO E 151 6.97 -52.10 -19.05
CA PRO E 151 6.30 -51.61 -17.84
C PRO E 151 6.79 -52.33 -16.60
N GLY E 152 6.89 -51.57 -15.51
CA GLY E 152 7.33 -52.12 -14.24
C GLY E 152 8.78 -51.87 -13.89
N GLU E 153 9.57 -51.29 -14.80
CA GLU E 153 10.97 -51.01 -14.56
C GLU E 153 11.23 -49.51 -14.65
N SER E 154 12.27 -49.06 -13.97
CA SER E 154 12.62 -47.65 -13.93
C SER E 154 13.65 -47.33 -15.00
N VAL E 155 13.39 -46.27 -15.77
CA VAL E 155 14.30 -45.83 -16.83
C VAL E 155 14.59 -44.35 -16.61
N SER E 156 15.87 -43.97 -16.78
CA SER E 156 16.31 -42.60 -16.59
C SER E 156 16.59 -41.96 -17.94
N ILE E 157 16.03 -40.76 -18.15
CA ILE E 157 16.23 -39.99 -19.36
C ILE E 157 17.18 -38.84 -19.03
N SER E 158 18.32 -38.80 -19.71
CA SER E 158 19.38 -37.84 -19.43
C SER E 158 19.58 -36.91 -20.62
N CYS E 159 19.67 -35.62 -20.35
CA CYS E 159 20.01 -34.60 -21.33
C CYS E 159 21.38 -34.03 -21.02
N ARG E 160 21.83 -33.11 -21.87
CA ARG E 160 23.11 -32.43 -21.68
C ARG E 160 22.93 -30.95 -21.97
N SER E 161 23.81 -30.14 -21.41
CA SER E 161 23.77 -28.69 -21.61
C SER E 161 25.18 -28.17 -21.91
N SER E 162 25.23 -27.07 -22.65
CA SER E 162 26.51 -26.47 -22.98
C SER E 162 27.15 -25.84 -21.76
N LYS E 163 26.39 -25.04 -21.01
CA LYS E 163 26.86 -24.43 -19.78
C LYS E 163 25.86 -24.68 -18.67
N SER E 164 26.33 -24.49 -17.43
CA SER E 164 25.50 -24.73 -16.26
C SER E 164 24.25 -23.85 -16.29
N LEU E 165 23.09 -24.47 -16.03
CA LEU E 165 21.82 -23.78 -16.01
C LEU E 165 21.45 -23.27 -14.63
N LEU E 166 22.28 -23.50 -13.61
CA LEU E 166 21.99 -23.07 -12.26
C LEU E 166 22.27 -21.58 -12.14
N HIS E 167 21.22 -20.77 -12.23
CA HIS E 167 21.35 -19.34 -12.04
C HIS E 167 21.66 -19.03 -10.58
N SER E 168 22.18 -17.82 -10.35
CA SER E 168 22.54 -17.40 -9.00
C SER E 168 21.33 -17.37 -8.07
N ASN E 169 20.11 -17.31 -8.63
CA ASN E 169 18.92 -17.40 -7.80
C ASN E 169 18.74 -18.78 -7.17
N GLY E 170 19.48 -19.78 -7.65
CA GLY E 170 19.31 -21.14 -7.23
C GLY E 170 18.45 -21.98 -8.16
N ASN E 171 17.74 -21.33 -9.09
CA ASN E 171 16.88 -22.04 -10.03
C ASN E 171 17.71 -22.64 -11.16
N THR E 172 17.40 -23.88 -11.52
CA THR E 172 17.96 -24.52 -12.70
C THR E 172 16.84 -24.63 -13.74
N TYR E 173 16.96 -23.87 -14.82
CA TYR E 173 15.86 -23.71 -15.77
C TYR E 173 15.84 -24.86 -16.78
N LEU E 174 15.19 -25.94 -16.36
CA LEU E 174 14.91 -27.09 -17.21
C LEU E 174 13.41 -27.39 -17.18
N TYR E 175 12.85 -27.65 -18.36
CA TYR E 175 11.44 -28.03 -18.49
C TYR E 175 11.36 -29.33 -19.27
N TRP E 176 10.73 -30.34 -18.68
CA TRP E 176 10.53 -31.61 -19.36
C TRP E 176 9.16 -31.66 -20.03
N PHE E 177 9.08 -32.43 -21.10
CA PHE E 177 7.84 -32.59 -21.83
C PHE E 177 7.73 -34.01 -22.35
N LEU E 178 6.50 -34.50 -22.47
CA LEU E 178 6.21 -35.81 -23.00
C LEU E 178 5.20 -35.68 -24.12
N GLN E 179 5.55 -36.19 -25.30
CA GLN E 179 4.69 -36.11 -26.48
C GLN E 179 4.28 -37.52 -26.87
N ARG E 180 3.11 -37.96 -26.39
CA ARG E 180 2.55 -39.21 -26.82
C ARG E 180 2.13 -39.11 -28.29
N PRO E 181 2.13 -40.23 -29.02
CA PRO E 181 1.78 -40.18 -30.44
C PRO E 181 0.39 -39.59 -30.66
N GLY E 182 0.29 -38.70 -31.64
CA GLY E 182 -0.97 -38.03 -31.93
C GLY E 182 -1.48 -37.17 -30.79
N GLN E 183 -0.57 -36.52 -30.07
CA GLN E 183 -0.97 -35.70 -28.93
C GLN E 183 0.04 -34.57 -28.75
N SER E 184 -0.40 -33.53 -28.04
CA SER E 184 0.44 -32.39 -27.74
C SER E 184 1.37 -32.70 -26.57
N PRO E 185 2.53 -32.03 -26.52
CA PRO E 185 3.44 -32.24 -25.39
C PRO E 185 2.81 -31.83 -24.07
N GLN E 186 3.18 -32.54 -23.01
CA GLN E 186 2.67 -32.31 -21.67
C GLN E 186 3.82 -32.07 -20.71
N LEU E 187 3.70 -31.01 -19.92
CA LEU E 187 4.74 -30.70 -18.94
C LEU E 187 4.75 -31.76 -17.85
N LEU E 188 5.95 -32.26 -17.54
CA LEU E 188 6.14 -33.21 -16.45
C LEU E 188 6.96 -32.62 -15.31
N ILE E 189 8.12 -32.08 -15.60
CA ILE E 189 9.01 -31.52 -14.60
C ILE E 189 9.46 -30.14 -15.06
N TYR E 190 9.26 -29.13 -14.21
CA TYR E 190 9.73 -27.78 -14.50
C TYR E 190 10.77 -27.37 -13.47
N ARG E 191 11.76 -26.62 -13.94
CA ARG E 191 12.90 -26.20 -13.11
C ARG E 191 13.65 -27.40 -12.55
N MET E 192 13.52 -28.55 -13.23
CA MET E 192 14.33 -29.74 -12.98
C MET E 192 14.08 -30.36 -11.60
N SER E 193 13.17 -29.77 -10.82
CA SER E 193 12.97 -30.26 -9.46
C SER E 193 11.50 -30.47 -9.10
N ASN E 194 10.60 -29.73 -9.74
CA ASN E 194 9.21 -29.71 -9.31
C ASN E 194 8.27 -30.28 -10.37
N LEU E 195 7.24 -30.99 -9.91
CA LEU E 195 6.23 -31.56 -10.79
C LEU E 195 5.31 -30.46 -11.31
N ALA E 196 4.53 -30.83 -12.33
CA ALA E 196 3.50 -29.96 -12.87
C ALA E 196 2.14 -30.39 -12.31
N SER E 197 1.09 -29.66 -12.70
CA SER E 197 -0.24 -29.94 -12.19
C SER E 197 -0.82 -31.19 -12.85
N GLY E 198 -1.26 -32.13 -12.02
CA GLY E 198 -1.90 -33.34 -12.51
C GLY E 198 -0.96 -34.44 -12.95
N VAL E 199 0.33 -34.22 -12.91
CA VAL E 199 1.28 -35.24 -13.37
C VAL E 199 1.41 -36.33 -12.30
N PRO E 200 1.41 -37.60 -12.67
CA PRO E 200 1.66 -38.66 -11.70
C PRO E 200 2.93 -38.40 -10.90
N ASP E 201 2.89 -38.78 -9.62
CA ASP E 201 4.03 -38.59 -8.73
C ASP E 201 5.20 -39.50 -9.05
N ARG E 202 5.03 -40.48 -9.95
CA ARG E 202 6.11 -41.39 -10.27
C ARG E 202 7.28 -40.67 -10.94
N PHE E 203 6.99 -39.60 -11.68
CA PHE E 203 8.06 -38.82 -12.30
C PHE E 203 8.82 -38.04 -11.24
N SER E 204 10.14 -37.97 -11.40
CA SER E 204 10.99 -37.26 -10.44
C SER E 204 12.24 -36.79 -11.17
N GLY E 205 12.28 -35.51 -11.50
CA GLY E 205 13.46 -34.94 -12.12
C GLY E 205 14.53 -34.57 -11.11
N SER E 206 15.76 -34.47 -11.61
CA SER E 206 16.90 -34.14 -10.78
C SER E 206 18.06 -33.74 -11.69
N GLY E 207 19.22 -33.51 -11.08
CA GLY E 207 20.42 -33.19 -11.82
C GLY E 207 21.07 -31.91 -11.32
N SER E 208 22.34 -31.77 -11.69
CA SER E 208 23.13 -30.59 -11.34
C SER E 208 23.00 -29.56 -12.46
N GLY E 209 23.88 -28.55 -12.44
CA GLY E 209 23.88 -27.58 -13.51
C GLY E 209 24.20 -28.17 -14.86
N THR E 210 25.06 -29.19 -14.90
CA THR E 210 25.38 -29.90 -16.13
C THR E 210 25.01 -31.38 -16.08
N ALA E 211 25.26 -32.06 -14.96
CA ALA E 211 24.74 -33.41 -14.79
C ALA E 211 23.22 -33.35 -14.78
N PHE E 212 22.59 -34.19 -15.60
CA PHE E 212 21.24 -33.91 -16.03
C PHE E 212 20.50 -35.22 -16.31
N THR E 213 19.35 -35.40 -15.65
CA THR E 213 18.63 -36.66 -15.78
C THR E 213 17.19 -36.48 -15.35
N LEU E 214 16.36 -37.47 -15.71
CA LEU E 214 14.97 -37.54 -15.28
C LEU E 214 14.59 -39.00 -15.09
N THR E 215 13.96 -39.32 -13.97
CA THR E 215 13.66 -40.70 -13.60
C THR E 215 12.14 -40.92 -13.55
N ILE E 216 11.72 -42.08 -14.03
CA ILE E 216 10.33 -42.53 -13.94
C ILE E 216 10.31 -43.86 -13.18
N SER E 217 9.43 -43.95 -12.18
CA SER E 217 9.45 -45.11 -11.29
C SER E 217 8.71 -46.31 -11.87
N ARG E 218 7.40 -46.17 -12.07
CA ARG E 218 6.53 -47.29 -12.45
C ARG E 218 5.95 -47.00 -13.83
N LEU E 219 6.65 -47.40 -14.87
CA LEU E 219 6.20 -47.13 -16.23
C LEU E 219 4.93 -47.90 -16.56
N GLU E 220 4.00 -47.24 -17.25
CA GLU E 220 2.76 -47.86 -17.67
C GLU E 220 2.57 -47.67 -19.18
N ALA E 221 1.40 -48.06 -19.69
CA ALA E 221 1.14 -47.95 -21.12
C ALA E 221 0.95 -46.51 -21.57
N GLU E 222 0.67 -45.59 -20.64
CA GLU E 222 0.44 -44.19 -20.98
C GLU E 222 1.69 -43.33 -20.86
N ASP E 223 2.83 -43.91 -20.47
CA ASP E 223 4.06 -43.17 -20.30
C ASP E 223 4.98 -43.22 -21.52
N VAL E 224 4.55 -43.86 -22.59
CA VAL E 224 5.36 -43.94 -23.81
C VAL E 224 5.29 -42.61 -24.55
N GLY E 225 6.32 -42.35 -25.34
CA GLY E 225 6.38 -41.13 -26.12
C GLY E 225 7.83 -40.67 -26.26
N VAL E 226 7.98 -39.39 -26.62
CA VAL E 226 9.28 -38.77 -26.82
C VAL E 226 9.47 -37.71 -25.75
N TYR E 227 10.61 -37.75 -25.06
CA TYR E 227 10.91 -36.84 -23.97
C TYR E 227 11.83 -35.74 -24.46
N TYR E 228 11.41 -34.49 -24.27
CA TYR E 228 12.17 -33.32 -24.67
C TYR E 228 12.54 -32.49 -23.45
N CYS E 229 13.73 -31.90 -23.49
CA CYS E 229 14.24 -31.09 -22.39
C CYS E 229 14.46 -29.66 -22.88
N MET E 230 13.95 -28.69 -22.11
CA MET E 230 14.08 -27.27 -22.41
C MET E 230 15.17 -26.65 -21.55
N GLN E 231 15.90 -25.70 -22.13
CA GLN E 231 16.69 -24.75 -21.37
C GLN E 231 16.01 -23.38 -21.46
N HIS E 232 15.90 -22.70 -20.32
CA HIS E 232 15.20 -21.43 -20.26
C HIS E 232 16.05 -20.31 -19.68
N LEU E 233 17.33 -20.57 -19.40
CA LEU E 233 18.20 -19.52 -18.89
C LEU E 233 18.42 -18.45 -19.95
N GLU E 234 18.77 -18.86 -21.16
CA GLU E 234 18.90 -17.96 -22.30
C GLU E 234 17.71 -18.17 -23.23
N TYR E 235 17.07 -17.08 -23.63
CA TYR E 235 15.77 -17.13 -24.29
C TYR E 235 15.71 -17.84 -25.64
N PRO E 236 16.83 -18.02 -26.39
CA PRO E 236 16.78 -18.89 -27.57
C PRO E 236 16.00 -20.18 -27.40
N LEU E 237 15.93 -20.71 -26.17
CA LEU E 237 15.02 -21.79 -25.80
C LEU E 237 15.18 -23.01 -26.71
N THR E 238 16.37 -23.60 -26.66
CA THR E 238 16.70 -24.74 -27.51
C THR E 238 16.22 -26.03 -26.84
N PHE E 239 15.56 -26.88 -27.63
CA PHE E 239 15.07 -28.16 -27.14
C PHE E 239 16.21 -29.18 -27.10
N GLY E 240 15.86 -30.44 -26.88
CA GLY E 240 16.81 -31.53 -26.91
C GLY E 240 16.59 -32.42 -28.12
N ALA E 241 17.40 -33.47 -28.19
CA ALA E 241 17.30 -34.41 -29.31
C ALA E 241 15.96 -35.12 -29.31
N GLY E 242 15.51 -35.57 -28.14
CA GLY E 242 14.24 -36.27 -28.04
C GLY E 242 14.41 -37.76 -27.85
N THR E 243 14.25 -38.23 -26.62
CA THR E 243 14.39 -39.65 -26.30
C THR E 243 13.02 -40.33 -26.41
N LYS E 244 12.93 -41.31 -27.29
CA LYS E 244 11.67 -42.01 -27.56
C LYS E 244 11.64 -43.30 -26.75
N LEU E 245 10.55 -43.51 -26.02
CA LEU E 245 10.37 -44.73 -25.24
C LEU E 245 9.49 -45.71 -26.02
N GLU E 246 9.96 -46.94 -26.15
CA GLU E 246 9.26 -47.97 -26.91
C GLU E 246 8.68 -49.01 -25.95
N LEU E 247 7.42 -49.36 -26.15
CA LEU E 247 6.75 -50.34 -25.33
C LEU E 247 7.31 -51.74 -25.57
#